data_7F5K
#
_entry.id   7F5K
#
_cell.length_a   64.874
_cell.length_b   73.790
_cell.length_c   170.337
_cell.angle_alpha   90.000
_cell.angle_beta   90.000
_cell.angle_gamma   90.000
#
_symmetry.space_group_name_H-M   'P 21 21 21'
#
loop_
_entity.id
_entity.type
_entity.pdbx_description
1 polymer 'T cell receptor alpha chain'
2 polymer 'T cell receptor beta chain'
#
loop_
_entity_poly.entity_id
_entity_poly.type
_entity_poly.pdbx_seq_one_letter_code
_entity_poly.pdbx_strand_id
1 'polypeptide(L)'
;GSQEKVQQSPESLIVPEGAMSSLNCTFSNSASQSIWWYQQHPGKGPEALISIFSNGNKKEGRLTVYLNRASLHVSLHIRD
SQPSDSAVYLCAVSKGSNYQLIWGSGTKLIIKPDIQNPEPAVYQLKDPRSQDSTLCLFTDFDSQINVPKTMESGTFITDK
CVLDMKAMDSKSNGAIAWSNQTSFTCQDIFKETNATYPSS
;
A,C
2 'polypeptide(L)'
;GSAVTQSPRNKVAVTGGKVTLSCNQTNNHNNMYWYRQDTGHGLRLIHYSYGAGSTEKGDIPDGYKASRPSQENFSLILEL
ATPSQTSVYFCASGDMGAAEVFFGKGTRLTVVEDLRNVTPPKVSLFEPSKAEIANKQKATLVCLARGFFPDHVELSWWVN
GKEVHSGVCTDPQAYKESNYSYALSSRLRVSATFWHNPRNHFRCQVQFHGLSEEDKWPEGSPKPVTQNISAEAWGRAD
;
B,D
#
# COMPACT_ATOMS: atom_id res chain seq x y z
N LYS A 5 10.85 42.58 6.81
CA LYS A 5 10.52 41.61 7.84
C LYS A 5 9.06 41.78 8.20
N VAL A 6 8.29 40.70 8.02
CA VAL A 6 6.85 40.68 8.24
C VAL A 6 6.53 39.57 9.23
N GLN A 7 5.80 39.90 10.29
CA GLN A 7 5.48 38.94 11.34
C GLN A 7 3.96 38.90 11.53
N GLN A 8 3.45 37.78 12.09
CA GLN A 8 2.01 37.60 12.21
C GLN A 8 1.58 37.30 13.65
N SER A 9 0.28 37.53 13.94
CA SER A 9 -0.11 37.75 15.33
C SER A 9 0.01 36.51 16.20
N PRO A 10 -0.87 35.50 16.14
CA PRO A 10 -0.54 34.29 16.89
C PRO A 10 0.17 33.31 15.98
N GLU A 11 1.17 32.58 16.48
CA GLU A 11 1.59 31.44 15.67
C GLU A 11 0.42 30.50 15.49
N SER A 12 -0.44 30.43 16.50
CA SER A 12 -1.37 29.34 16.68
C SER A 12 -2.70 29.91 17.12
N LEU A 13 -3.76 29.52 16.42
CA LEU A 13 -5.12 29.98 16.73
C LEU A 13 -6.09 28.82 16.56
N ILE A 14 -6.78 28.47 17.64
CA ILE A 14 -7.88 27.52 17.62
C ILE A 14 -9.10 28.27 18.11
N VAL A 15 -10.22 28.10 17.40
CA VAL A 15 -11.46 28.75 17.79
C VAL A 15 -12.60 27.77 17.56
N PRO A 16 -13.65 27.87 18.35
CA PRO A 16 -14.82 27.02 18.11
C PRO A 16 -15.49 27.40 16.80
N GLU A 17 -16.50 26.63 16.45
CA GLU A 17 -17.17 26.68 15.16
C GLU A 17 -17.98 27.95 14.97
N GLY A 18 -17.76 28.97 15.80
CA GLY A 18 -18.47 30.21 15.56
C GLY A 18 -17.71 31.51 15.76
N ALA A 19 -16.44 31.46 16.11
CA ALA A 19 -15.78 32.64 16.61
C ALA A 19 -15.40 33.60 15.48
N MET A 20 -14.92 34.78 15.89
CA MET A 20 -14.22 35.70 14.99
C MET A 20 -12.73 35.45 15.12
N SER A 21 -12.17 34.83 14.09
CA SER A 21 -10.75 34.59 14.07
C SER A 21 -10.03 35.86 13.62
N SER A 22 -9.08 36.32 14.40
CA SER A 22 -8.47 37.61 14.15
C SER A 22 -6.98 37.41 14.08
N LEU A 23 -6.42 37.55 12.88
CA LEU A 23 -4.98 37.46 12.70
C LEU A 23 -4.46 38.84 12.36
N ASN A 24 -3.22 39.10 12.71
CA ASN A 24 -2.61 40.40 12.48
C ASN A 24 -1.27 40.20 11.80
N CYS A 25 -0.69 41.32 11.40
CA CYS A 25 0.47 41.34 10.53
C CYS A 25 1.22 42.65 10.78
N THR A 26 2.43 42.71 10.26
CA THR A 26 3.32 43.82 10.58
C THR A 26 4.37 43.91 9.50
N PHE A 27 4.34 44.96 8.68
CA PHE A 27 5.46 45.13 7.78
C PHE A 27 6.36 46.23 8.35
N SER A 28 7.35 46.66 7.56
CA SER A 28 8.28 47.68 8.01
C SER A 28 8.32 48.91 7.12
N ASN A 29 8.28 48.75 5.80
CA ASN A 29 8.28 49.89 4.87
C ASN A 29 6.86 50.46 4.83
N SER A 30 6.65 51.55 5.59
CA SER A 30 5.36 52.22 5.73
C SER A 30 4.64 52.41 4.40
N ALA A 31 5.41 52.50 3.32
CA ALA A 31 4.87 52.82 2.02
C ALA A 31 4.50 51.58 1.20
N SER A 32 4.75 50.37 1.73
CA SER A 32 4.52 49.12 1.00
C SER A 32 3.23 49.22 0.18
N GLN A 33 3.34 48.93 -1.11
CA GLN A 33 2.28 49.24 -2.05
C GLN A 33 1.10 48.29 -1.94
N SER A 34 1.20 47.22 -1.17
CA SER A 34 0.19 46.16 -1.25
C SER A 34 0.38 45.10 -0.18
N ILE A 35 -0.71 44.53 0.33
CA ILE A 35 -0.64 43.45 1.30
C ILE A 35 -1.63 42.36 0.91
N TRP A 36 -1.14 41.13 0.84
CA TRP A 36 -1.92 39.99 0.40
C TRP A 36 -2.09 38.97 1.50
N TRP A 37 -3.27 38.36 1.54
CA TRP A 37 -3.56 37.28 2.47
C TRP A 37 -3.75 36.01 1.65
N TYR A 38 -2.88 35.01 1.89
CA TYR A 38 -2.94 33.70 1.27
C TYR A 38 -3.40 32.64 2.28
N GLN A 39 -4.33 31.78 1.86
CA GLN A 39 -4.81 30.65 2.64
C GLN A 39 -4.09 29.39 2.19
N GLN A 40 -3.83 28.46 3.11
CA GLN A 40 -3.11 27.22 2.78
C GLN A 40 -3.84 26.05 3.41
N HIS A 41 -4.74 25.46 2.65
CA HIS A 41 -5.44 24.32 3.18
C HIS A 41 -4.48 23.14 3.31
N PRO A 42 -4.75 22.23 4.23
CA PRO A 42 -4.03 20.96 4.25
C PRO A 42 -4.18 20.24 2.92
N GLY A 43 -3.07 20.06 2.23
CA GLY A 43 -3.03 19.39 0.96
C GLY A 43 -2.92 20.31 -0.23
N LYS A 44 -3.10 21.61 -0.02
CA LYS A 44 -2.86 22.61 -1.05
C LYS A 44 -1.66 23.46 -0.63
N GLY A 45 -1.26 24.36 -1.52
CA GLY A 45 -0.34 25.41 -1.15
C GLY A 45 -1.10 26.71 -1.00
N PRO A 46 -0.40 27.81 -0.70
CA PRO A 46 -1.11 29.07 -0.49
C PRO A 46 -1.93 29.47 -1.71
N GLU A 47 -3.24 29.54 -1.59
CA GLU A 47 -4.02 30.25 -2.57
C GLU A 47 -4.24 31.66 -2.06
N ALA A 48 -4.31 32.63 -2.96
CA ALA A 48 -4.49 34.01 -2.53
C ALA A 48 -5.94 34.22 -2.14
N LEU A 49 -6.16 34.74 -0.93
CA LEU A 49 -7.50 34.96 -0.42
C LEU A 49 -7.96 36.39 -0.57
N ILE A 50 -7.13 37.39 -0.22
CA ILE A 50 -7.65 38.78 -0.24
C ILE A 50 -6.57 39.86 -0.13
N SER A 51 -6.80 41.02 -0.78
CA SER A 51 -5.80 42.08 -0.94
C SER A 51 -6.23 43.42 -0.34
N ILE A 52 -5.28 44.14 0.25
CA ILE A 52 -5.45 45.53 0.63
C ILE A 52 -4.37 46.36 -0.04
N PHE A 53 -4.79 47.41 -0.76
CA PHE A 53 -3.91 48.42 -1.30
C PHE A 53 -4.05 49.76 -0.62
N SER A 54 -5.21 50.04 -0.04
CA SER A 54 -5.54 51.35 0.52
C SER A 54 -5.85 51.24 2.01
N ASN A 55 -5.98 52.40 2.65
CA ASN A 55 -5.94 52.52 4.11
C ASN A 55 -7.37 52.55 4.65
N GLY A 56 -7.86 51.41 5.11
CA GLY A 56 -9.20 51.35 5.66
C GLY A 56 -9.74 49.95 5.90
N ASN A 57 -10.96 49.68 5.42
CA ASN A 57 -11.61 48.37 5.55
C ASN A 57 -11.85 47.82 4.15
N LYS A 58 -11.97 46.49 4.05
CA LYS A 58 -12.42 45.89 2.79
C LYS A 58 -13.16 44.59 3.10
N LYS A 59 -14.47 44.67 3.25
CA LYS A 59 -15.24 43.46 3.44
C LYS A 59 -15.22 42.64 2.16
N GLU A 60 -15.18 41.31 2.31
CA GLU A 60 -15.35 40.38 1.20
C GLU A 60 -15.88 39.09 1.81
N GLY A 61 -17.13 38.74 1.53
CA GLY A 61 -17.77 37.64 2.25
C GLY A 61 -17.78 37.92 3.74
N ARG A 62 -17.46 36.90 4.54
CA ARG A 62 -17.30 37.07 5.98
C ARG A 62 -15.89 37.45 6.38
N LEU A 63 -15.18 38.13 5.50
CA LEU A 63 -13.84 38.60 5.73
C LEU A 63 -13.83 40.11 5.81
N THR A 64 -12.97 40.66 6.68
CA THR A 64 -12.63 42.06 6.59
C THR A 64 -11.13 42.19 6.84
N VAL A 65 -10.50 43.15 6.18
CA VAL A 65 -9.06 43.38 6.24
C VAL A 65 -8.85 44.85 6.48
N TYR A 66 -8.07 45.20 7.50
CA TYR A 66 -7.80 46.62 7.70
C TYR A 66 -6.31 46.90 7.85
N LEU A 67 -5.87 47.92 7.11
CA LEU A 67 -4.49 48.37 6.98
C LEU A 67 -4.31 49.73 7.64
N ASN A 68 -3.07 50.01 8.04
CA ASN A 68 -2.70 51.31 8.60
C ASN A 68 -1.22 51.59 8.32
N ARG A 69 -0.94 52.23 7.17
CA ARG A 69 0.46 52.46 6.81
C ARG A 69 1.15 53.46 7.74
N ALA A 70 0.42 54.09 8.64
CA ALA A 70 0.96 54.87 9.73
C ALA A 70 0.81 54.13 11.05
N SER A 71 0.50 52.82 10.97
CA SER A 71 0.59 51.92 12.10
C SER A 71 1.29 50.62 11.74
N LEU A 72 1.61 50.39 10.46
CA LEU A 72 2.28 49.21 9.92
C LEU A 72 1.54 47.89 10.18
N HIS A 73 0.24 47.92 10.44
CA HIS A 73 -0.49 46.77 10.94
C HIS A 73 -1.61 46.42 9.98
N VAL A 74 -1.57 45.22 9.40
CA VAL A 74 -2.68 44.71 8.61
C VAL A 74 -3.33 43.60 9.42
N SER A 75 -4.65 43.52 9.40
CA SER A 75 -5.30 42.44 10.13
C SER A 75 -6.41 41.85 9.29
N LEU A 76 -6.54 40.54 9.37
CA LEU A 76 -7.60 39.82 8.69
C LEU A 76 -8.51 39.26 9.77
N HIS A 77 -9.79 39.60 9.70
CA HIS A 77 -10.78 39.04 10.61
C HIS A 77 -11.75 38.18 9.82
N ILE A 78 -11.97 36.98 10.31
CA ILE A 78 -12.97 36.03 9.83
C ILE A 78 -14.14 36.06 10.78
N ARG A 79 -15.34 36.34 10.28
CA ARG A 79 -16.53 36.28 11.11
C ARG A 79 -17.34 35.04 10.79
N ASP A 80 -17.91 34.43 11.83
CA ASP A 80 -18.56 33.12 11.76
C ASP A 80 -17.65 32.07 11.17
N SER A 81 -16.48 31.92 11.82
CA SER A 81 -15.45 30.97 11.39
C SER A 81 -16.06 29.63 11.07
N GLN A 82 -15.59 29.03 9.99
CA GLN A 82 -16.12 27.72 9.63
C GLN A 82 -15.07 26.62 9.75
N PRO A 83 -15.48 25.40 9.95
CA PRO A 83 -14.55 24.29 9.76
C PRO A 83 -13.75 24.57 8.52
N SER A 84 -14.46 24.95 7.44
CA SER A 84 -13.85 25.00 6.12
C SER A 84 -12.70 26.00 6.07
N ASP A 85 -12.81 27.10 6.77
CA ASP A 85 -11.73 28.08 6.70
C ASP A 85 -10.79 27.93 7.91
N SER A 86 -10.15 26.75 7.94
CA SER A 86 -9.01 26.46 8.79
C SER A 86 -7.86 25.98 7.91
N ALA A 87 -6.68 26.58 8.11
CA ALA A 87 -5.58 26.51 7.17
C ALA A 87 -4.42 27.34 7.67
N VAL A 88 -3.36 27.40 6.93
CA VAL A 88 -2.29 28.34 7.27
C VAL A 88 -2.62 29.67 6.60
N TYR A 89 -2.28 30.78 7.25
CA TYR A 89 -2.61 32.09 6.71
C TYR A 89 -1.33 32.90 6.58
N LEU A 90 -0.87 33.07 5.35
CA LEU A 90 0.35 33.81 5.09
C LEU A 90 0.02 35.25 4.73
N CYS A 91 0.75 36.18 5.32
CA CYS A 91 0.59 37.61 5.09
C CYS A 91 1.78 38.09 4.26
N ALA A 92 1.64 38.09 2.95
CA ALA A 92 2.70 38.62 2.12
C ALA A 92 2.47 40.11 1.84
N VAL A 93 3.53 40.79 1.42
CA VAL A 93 3.49 42.23 1.15
C VAL A 93 4.23 42.48 -0.15
N SER A 94 3.54 43.01 -1.15
CA SER A 94 4.18 43.32 -2.43
C SER A 94 4.44 44.82 -2.47
N LYS A 95 5.56 45.25 -1.89
CA LYS A 95 5.78 46.69 -1.79
C LYS A 95 5.87 47.37 -3.16
N GLY A 96 5.93 46.63 -4.24
CA GLY A 96 5.84 47.24 -5.55
C GLY A 96 5.59 46.18 -6.61
N SER A 97 5.14 46.63 -7.77
CA SER A 97 4.99 45.71 -8.89
C SER A 97 6.29 44.97 -9.13
N ASN A 98 7.40 45.69 -9.05
CA ASN A 98 8.66 45.24 -9.58
C ASN A 98 9.49 44.56 -8.51
N TYR A 99 8.98 44.51 -7.29
CA TYR A 99 9.55 43.74 -6.21
C TYR A 99 8.78 42.45 -6.09
N GLN A 100 9.42 41.46 -5.47
CA GLN A 100 8.68 40.26 -5.14
C GLN A 100 8.07 40.45 -3.76
N LEU A 101 7.21 39.49 -3.38
CA LEU A 101 6.58 39.55 -2.09
C LEU A 101 7.61 39.37 -1.00
N ILE A 102 7.31 39.88 0.19
CA ILE A 102 8.05 39.56 1.42
C ILE A 102 7.10 38.81 2.34
N TRP A 103 7.45 37.59 2.70
CA TRP A 103 6.42 36.75 3.31
C TRP A 103 6.41 36.88 4.84
N GLY A 104 5.30 36.44 5.44
CA GLY A 104 5.12 36.51 6.86
C GLY A 104 5.48 35.21 7.58
N SER A 105 5.48 35.29 8.92
CA SER A 105 5.78 34.13 9.76
C SER A 105 4.69 33.08 9.70
N GLY A 106 3.45 33.49 9.49
CA GLY A 106 2.36 32.55 9.29
C GLY A 106 1.40 32.55 10.47
N THR A 107 0.31 31.80 10.31
CA THR A 107 -0.61 31.59 11.43
C THR A 107 -1.44 30.35 11.17
N LYS A 108 -1.34 29.37 12.06
CA LYS A 108 -2.05 28.10 11.92
C LYS A 108 -3.38 28.24 12.65
N LEU A 109 -4.38 28.69 11.92
CA LEU A 109 -5.73 28.82 12.42
C LEU A 109 -6.51 27.53 12.24
N ILE A 110 -7.20 27.11 13.30
CA ILE A 110 -7.83 25.79 13.31
C ILE A 110 -9.16 25.93 14.03
N ILE A 111 -10.20 25.29 13.51
CA ILE A 111 -11.56 25.47 14.01
C ILE A 111 -11.96 24.20 14.76
N LYS A 112 -11.89 24.28 16.07
CA LYS A 112 -12.42 23.29 16.99
C LYS A 112 -13.92 23.15 16.79
N PRO A 113 -14.49 21.97 17.06
CA PRO A 113 -15.95 21.86 17.17
C PRO A 113 -16.45 22.61 18.40
N ASP A 114 -17.64 23.20 18.27
CA ASP A 114 -18.21 24.02 19.34
C ASP A 114 -19.31 23.25 20.04
N ILE A 115 -19.11 22.99 21.33
CA ILE A 115 -19.94 22.07 22.07
C ILE A 115 -20.93 22.91 22.87
N GLN A 116 -22.16 22.96 22.38
CA GLN A 116 -23.18 23.83 22.93
C GLN A 116 -23.94 23.19 24.08
N ASN A 117 -23.88 21.87 24.19
CA ASN A 117 -24.52 21.10 25.25
C ASN A 117 -23.42 20.31 25.96
N PRO A 118 -22.49 21.00 26.63
CA PRO A 118 -21.36 20.27 27.24
C PRO A 118 -21.85 19.11 28.09
N GLU A 119 -21.52 17.92 27.63
CA GLU A 119 -21.97 16.65 28.22
C GLU A 119 -20.73 15.76 28.37
N PRO A 120 -19.72 16.23 29.11
CA PRO A 120 -18.44 15.51 29.11
C PRO A 120 -18.61 14.03 29.43
N ALA A 121 -17.73 13.21 28.87
CA ALA A 121 -17.74 11.78 29.13
C ALA A 121 -16.37 11.21 28.82
N VAL A 122 -15.76 10.55 29.81
CA VAL A 122 -14.61 9.70 29.56
C VAL A 122 -15.18 8.34 29.22
N TYR A 123 -15.24 8.04 27.94
CA TYR A 123 -15.53 6.69 27.50
C TYR A 123 -14.21 5.96 27.28
N GLN A 124 -14.29 4.63 27.19
CA GLN A 124 -13.16 3.82 26.76
C GLN A 124 -13.64 2.93 25.62
N LEU A 125 -12.85 2.86 24.56
CA LEU A 125 -13.16 2.13 23.35
C LEU A 125 -12.16 1.00 23.18
N LYS A 126 -12.54 0.00 22.40
CA LYS A 126 -11.86 -1.30 22.34
C LYS A 126 -11.51 -1.65 20.90
N ASP A 127 -10.31 -2.20 20.69
CA ASP A 127 -9.88 -2.63 19.36
C ASP A 127 -10.58 -3.93 18.99
N PRO A 128 -11.44 -3.89 17.98
CA PRO A 128 -12.19 -5.08 17.58
C PRO A 128 -11.28 -6.18 17.11
N ARG A 129 -10.45 -5.86 16.12
CA ARG A 129 -9.52 -6.80 15.55
C ARG A 129 -8.51 -7.07 16.67
N SER A 130 -8.71 -8.21 17.32
CA SER A 130 -8.43 -8.35 18.74
C SER A 130 -7.04 -7.93 19.16
N GLN A 131 -6.93 -7.56 20.42
CA GLN A 131 -5.78 -7.82 21.26
C GLN A 131 -6.32 -7.40 22.62
N ASP A 132 -5.47 -7.04 23.56
CA ASP A 132 -6.00 -6.34 24.73
C ASP A 132 -5.99 -4.82 24.55
N SER A 133 -6.17 -4.34 23.31
CA SER A 133 -6.03 -2.92 22.97
C SER A 133 -7.32 -2.15 23.29
N THR A 134 -7.19 -1.12 24.13
CA THR A 134 -8.26 -0.18 24.41
C THR A 134 -7.66 1.23 24.39
N LEU A 135 -8.52 2.24 24.33
CA LEU A 135 -8.09 3.62 24.55
C LEU A 135 -9.26 4.40 25.16
N CYS A 136 -9.00 5.65 25.53
CA CYS A 136 -10.00 6.49 26.18
C CYS A 136 -10.38 7.62 25.25
N LEU A 137 -11.68 7.90 25.18
CA LEU A 137 -12.21 9.03 24.44
C LEU A 137 -12.79 9.98 25.45
N PHE A 138 -12.25 11.18 25.51
CA PHE A 138 -12.76 12.22 26.38
C PHE A 138 -13.54 13.20 25.50
N THR A 139 -14.85 13.02 25.44
CA THR A 139 -15.65 13.72 24.44
C THR A 139 -16.64 14.66 25.11
N ASP A 140 -17.07 15.65 24.30
CA ASP A 140 -18.15 16.57 24.63
C ASP A 140 -17.78 17.47 25.82
N PHE A 141 -16.50 17.83 25.96
CA PHE A 141 -16.05 18.68 27.06
C PHE A 141 -15.90 20.13 26.60
N ASP A 142 -16.28 21.05 27.47
CA ASP A 142 -16.44 22.46 27.11
C ASP A 142 -15.24 23.08 26.40
N SER A 143 -15.51 24.18 25.65
CA SER A 143 -14.68 25.01 24.75
C SER A 143 -13.62 25.79 25.51
N GLN A 144 -13.47 25.41 26.78
CA GLN A 144 -12.59 26.05 27.74
C GLN A 144 -11.52 25.13 28.29
N ILE A 145 -11.79 23.83 28.42
CA ILE A 145 -10.91 22.90 29.13
C ILE A 145 -9.62 22.68 28.34
N ASN A 146 -8.50 23.07 28.94
CA ASN A 146 -7.23 22.99 28.26
C ASN A 146 -6.66 21.58 28.40
N VAL A 147 -5.65 21.28 27.58
CA VAL A 147 -5.11 19.92 27.49
C VAL A 147 -3.60 19.94 27.26
N PRO A 148 -2.74 19.82 28.34
CA PRO A 148 -1.39 19.25 28.16
C PRO A 148 -1.38 17.72 28.06
N LYS A 149 -0.20 17.07 28.12
CA LYS A 149 -0.08 15.61 28.06
C LYS A 149 -0.03 14.98 29.47
N THR A 150 0.43 13.73 29.55
CA THR A 150 0.10 12.75 30.57
C THR A 150 1.01 12.80 31.80
N MET A 151 0.98 11.71 32.57
CA MET A 151 1.61 11.55 33.87
C MET A 151 2.94 10.80 33.83
N GLU A 152 3.26 10.08 32.76
CA GLU A 152 4.48 9.26 32.76
C GLU A 152 5.03 9.09 31.34
N SER A 153 6.04 8.22 31.21
CA SER A 153 6.64 7.85 29.93
C SER A 153 6.00 6.61 29.32
N GLY A 154 4.78 6.29 29.74
CA GLY A 154 3.97 5.22 29.19
C GLY A 154 2.51 5.62 29.05
N THR A 155 2.24 6.87 28.66
CA THR A 155 0.89 7.34 28.41
C THR A 155 0.90 8.45 27.37
N PHE A 156 -0.25 8.65 26.69
CA PHE A 156 -0.38 9.71 25.70
C PHE A 156 -1.77 10.32 25.76
N ILE A 157 -1.81 11.64 25.91
CA ILE A 157 -2.98 12.47 25.68
C ILE A 157 -2.77 13.12 24.33
N THR A 158 -3.84 13.29 23.56
CA THR A 158 -3.81 14.16 22.39
C THR A 158 -4.82 15.29 22.58
N ASP A 159 -4.40 16.49 22.20
CA ASP A 159 -5.20 17.67 22.43
C ASP A 159 -6.49 17.63 21.60
N LYS A 160 -7.31 18.66 21.81
CA LYS A 160 -8.53 18.85 21.02
C LYS A 160 -8.23 18.83 19.51
N CYS A 161 -9.06 18.06 18.79
CA CYS A 161 -8.89 17.72 17.37
C CYS A 161 -9.31 18.89 16.48
N VAL A 162 -9.46 18.61 15.18
CA VAL A 162 -9.81 19.64 14.22
C VAL A 162 -10.76 19.20 13.11
N LEU A 163 -11.95 19.80 13.10
CA LEU A 163 -13.02 19.42 12.19
C LEU A 163 -12.65 19.66 10.74
N ASP A 164 -13.15 18.75 9.86
CA ASP A 164 -13.21 19.01 8.43
C ASP A 164 -14.60 18.62 7.88
N MET A 165 -15.61 19.49 8.07
CA MET A 165 -16.75 19.54 7.14
C MET A 165 -17.69 20.70 7.47
N LYS A 166 -18.32 21.23 6.41
CA LYS A 166 -19.13 22.44 6.49
C LYS A 166 -20.42 22.25 7.28
N ALA A 167 -21.12 21.13 7.06
CA ALA A 167 -22.46 20.92 7.59
C ALA A 167 -22.60 19.60 8.32
N MET A 168 -22.97 19.66 9.62
CA MET A 168 -23.85 18.73 10.34
C MET A 168 -23.93 19.17 11.80
N ASP A 169 -24.69 18.48 12.66
CA ASP A 169 -24.59 18.74 14.10
C ASP A 169 -23.82 17.66 14.86
N SER A 170 -23.80 16.41 14.36
CA SER A 170 -22.94 15.35 14.93
C SER A 170 -21.56 15.43 14.30
N LYS A 171 -20.89 16.54 14.59
CA LYS A 171 -19.50 16.79 14.23
C LYS A 171 -18.69 16.37 15.46
N SER A 172 -18.12 15.17 15.38
CA SER A 172 -17.35 14.53 16.44
C SER A 172 -16.37 15.48 17.10
N ASN A 173 -16.13 15.26 18.39
CA ASN A 173 -15.10 15.97 19.12
C ASN A 173 -14.37 15.00 20.05
N GLY A 174 -13.38 15.53 20.78
CA GLY A 174 -12.78 14.82 21.88
C GLY A 174 -11.26 14.67 21.88
N ALA A 175 -10.69 14.66 23.09
CA ALA A 175 -9.34 14.18 23.26
C ALA A 175 -9.34 12.66 23.30
N ILE A 176 -8.16 12.07 23.13
CA ILE A 176 -8.06 10.64 23.34
C ILE A 176 -6.75 10.35 24.06
N ALA A 177 -6.77 9.29 24.84
CA ALA A 177 -5.60 8.87 25.60
C ALA A 177 -5.40 7.37 25.42
N TRP A 178 -4.15 6.94 25.53
CA TRP A 178 -3.88 5.50 25.67
C TRP A 178 -2.61 5.26 26.49
N SER A 179 -2.54 4.09 27.11
CA SER A 179 -1.43 3.70 27.97
C SER A 179 -0.69 2.48 27.40
N ASN A 180 0.42 2.18 28.06
CA ASN A 180 1.32 1.13 27.60
C ASN A 180 1.58 0.14 28.72
N GLN A 181 0.60 -0.02 29.61
CA GLN A 181 0.48 -1.15 30.51
C GLN A 181 -0.96 -1.14 31.01
N THR A 182 -1.60 -2.34 31.07
CA THR A 182 -3.05 -2.44 31.34
C THR A 182 -3.45 -1.98 32.75
N SER A 183 -2.48 -1.42 33.49
CA SER A 183 -2.64 -1.09 34.89
C SER A 183 -3.34 0.25 35.13
N PHE A 184 -3.36 1.16 34.16
CA PHE A 184 -3.72 2.56 34.41
C PHE A 184 -5.19 2.79 34.09
N THR A 185 -5.87 3.52 34.98
CA THR A 185 -7.32 3.65 34.87
C THR A 185 -7.64 4.72 33.84
N CYS A 186 -8.70 4.47 33.08
CA CYS A 186 -9.08 5.31 31.94
C CYS A 186 -9.51 6.69 32.38
N GLN A 187 -9.44 6.96 33.67
CA GLN A 187 -9.83 8.24 34.23
C GLN A 187 -8.82 8.66 35.29
N ASP A 188 -7.54 8.57 34.95
CA ASP A 188 -6.49 8.67 35.94
C ASP A 188 -6.40 10.12 36.47
N ILE A 189 -5.37 10.39 37.28
CA ILE A 189 -5.16 11.73 37.83
C ILE A 189 -4.69 12.58 36.65
N PHE A 190 -5.65 13.28 36.04
CA PHE A 190 -5.45 13.88 34.73
C PHE A 190 -4.72 15.21 34.89
N LYS A 191 -3.65 15.38 34.09
CA LYS A 191 -2.71 16.50 34.24
C LYS A 191 -3.25 17.81 33.66
N GLU A 192 -4.57 17.91 33.52
CA GLU A 192 -5.27 18.96 32.81
C GLU A 192 -6.37 19.54 33.71
N THR A 193 -7.05 20.56 33.20
CA THR A 193 -8.22 21.12 33.88
C THR A 193 -9.43 20.24 33.59
N ASN A 194 -10.11 19.77 34.64
CA ASN A 194 -11.25 18.88 34.51
C ASN A 194 -12.50 19.51 35.12
N ALA A 195 -13.67 19.04 34.67
CA ALA A 195 -14.93 19.63 35.10
C ALA A 195 -16.05 18.61 34.90
N THR A 196 -16.80 18.32 35.96
CA THR A 196 -17.88 17.34 35.88
C THR A 196 -19.14 17.92 35.20
N ALA B 3 -3.04 23.71 -11.65
CA ALA B 3 -2.39 24.85 -12.29
C ALA B 3 -0.90 24.63 -12.40
N VAL B 4 -0.25 24.60 -11.24
CA VAL B 4 1.16 24.26 -11.08
C VAL B 4 1.24 22.87 -10.45
N THR B 5 2.28 22.12 -10.83
CA THR B 5 2.50 20.80 -10.26
C THR B 5 3.94 20.66 -9.83
N GLN B 6 4.19 19.81 -8.83
CA GLN B 6 5.54 19.47 -8.42
C GLN B 6 5.68 17.95 -8.35
N SER B 7 6.91 17.48 -8.45
CA SER B 7 7.11 16.07 -8.20
C SER B 7 8.55 15.85 -7.81
N PRO B 8 8.84 14.93 -6.88
CA PRO B 8 7.85 14.14 -6.13
C PRO B 8 6.94 14.96 -5.20
N ARG B 9 5.83 14.41 -4.77
CA ARG B 9 5.10 15.16 -3.77
C ARG B 9 5.54 14.82 -2.36
N ASN B 10 6.13 13.65 -2.17
CA ASN B 10 6.80 13.27 -0.94
C ASN B 10 8.18 12.71 -1.29
N LYS B 11 9.05 12.58 -0.30
CA LYS B 11 10.39 12.05 -0.56
C LYS B 11 11.13 11.75 0.72
N VAL B 12 11.78 10.59 0.78
CA VAL B 12 12.78 10.28 1.79
C VAL B 12 14.14 10.31 1.11
N ALA B 13 15.13 10.84 1.82
CA ALA B 13 16.48 10.92 1.33
C ALA B 13 17.42 10.47 2.43
N VAL B 14 18.57 10.01 2.04
CA VAL B 14 19.61 9.70 3.01
C VAL B 14 20.64 10.82 2.91
N THR B 15 21.37 11.08 3.99
CA THR B 15 22.32 12.18 3.99
C THR B 15 23.36 11.96 2.90
N GLY B 16 23.33 12.82 1.89
CA GLY B 16 23.92 12.51 0.60
C GLY B 16 22.82 12.00 -0.31
N GLY B 17 22.26 12.85 -1.16
CA GLY B 17 21.16 12.45 -2.03
C GLY B 17 21.13 13.30 -3.27
N LYS B 18 20.79 12.67 -4.38
CA LYS B 18 20.45 13.42 -5.59
C LYS B 18 18.95 13.61 -5.54
N VAL B 19 18.55 14.52 -4.66
CA VAL B 19 17.18 14.98 -4.66
C VAL B 19 17.10 16.17 -5.59
N THR B 20 16.27 16.05 -6.60
CA THR B 20 15.84 17.16 -7.42
C THR B 20 14.33 17.20 -7.39
N LEU B 21 13.81 18.29 -6.85
CA LEU B 21 12.40 18.59 -6.97
C LEU B 21 12.16 19.26 -8.30
N SER B 22 11.02 18.96 -8.94
CA SER B 22 10.76 19.49 -10.27
C SER B 22 9.36 20.07 -10.33
N CYS B 23 9.27 21.37 -10.61
CA CYS B 23 7.99 22.07 -10.70
C CYS B 23 7.70 22.44 -12.16
N ASN B 24 6.41 22.41 -12.50
CA ASN B 24 5.95 22.74 -13.84
C ASN B 24 4.67 23.55 -13.77
N GLN B 25 4.66 24.71 -14.43
CA GLN B 25 3.46 25.52 -14.51
C GLN B 25 2.94 25.49 -15.95
N THR B 26 1.89 24.72 -16.17
CA THR B 26 1.25 24.70 -17.48
C THR B 26 0.39 25.94 -17.71
N ASN B 27 0.57 26.98 -16.91
CA ASN B 27 0.10 28.32 -17.23
C ASN B 27 1.08 28.90 -18.25
N ASN B 28 1.11 30.21 -18.40
CA ASN B 28 2.13 30.80 -19.27
C ASN B 28 3.05 31.75 -18.50
N HIS B 29 3.27 31.48 -17.21
CA HIS B 29 4.01 32.42 -16.38
C HIS B 29 5.49 32.46 -16.71
N ASN B 30 6.06 33.64 -16.53
CA ASN B 30 7.45 33.87 -16.89
C ASN B 30 8.38 33.84 -15.68
N ASN B 31 7.84 34.01 -14.49
CA ASN B 31 8.61 33.83 -13.27
C ASN B 31 8.26 32.51 -12.59
N MET B 32 9.25 31.85 -12.02
CA MET B 32 9.05 30.58 -11.34
C MET B 32 9.88 30.59 -10.06
N TYR B 33 9.28 30.17 -8.95
CA TYR B 33 9.84 30.37 -7.61
C TYR B 33 9.87 29.05 -6.87
N TRP B 34 10.93 28.82 -6.08
CA TRP B 34 10.97 27.68 -5.17
C TRP B 34 11.14 28.19 -3.75
N TYR B 35 10.22 27.81 -2.87
CA TYR B 35 10.17 28.25 -1.49
C TYR B 35 10.19 27.05 -0.55
N ARG B 36 10.52 27.28 0.70
CA ARG B 36 10.33 26.24 1.70
C ARG B 36 9.66 26.79 2.96
N GLN B 37 8.85 25.95 3.59
CA GLN B 37 8.04 26.34 4.73
C GLN B 37 8.41 25.48 5.93
N ASP B 38 9.09 26.10 6.91
CA ASP B 38 9.49 25.47 8.16
C ASP B 38 8.83 26.24 9.31
N THR B 39 8.59 25.58 10.44
CA THR B 39 7.78 26.22 11.47
C THR B 39 8.49 27.50 11.91
N GLY B 40 7.72 28.58 12.01
CA GLY B 40 8.24 29.89 12.32
C GLY B 40 8.47 30.76 11.11
N HIS B 41 8.62 30.16 9.94
CA HIS B 41 8.61 30.93 8.73
C HIS B 41 7.37 30.57 7.94
N GLY B 42 6.87 31.54 7.21
CA GLY B 42 5.74 31.25 6.37
C GLY B 42 6.31 30.58 5.16
N LEU B 43 7.13 31.34 4.46
CA LEU B 43 7.85 30.84 3.29
C LEU B 43 9.17 31.57 3.26
N ARG B 44 10.21 30.87 2.84
CA ARG B 44 11.46 31.53 2.52
C ARG B 44 11.82 31.09 1.11
N LEU B 45 12.20 32.05 0.28
CA LEU B 45 12.58 31.79 -1.12
C LEU B 45 14.04 31.35 -1.21
N ILE B 46 14.28 30.33 -2.02
CA ILE B 46 15.62 29.75 -2.17
C ILE B 46 16.30 30.24 -3.42
N HIS B 47 15.65 30.06 -4.57
CA HIS B 47 15.85 30.93 -5.72
C HIS B 47 14.69 30.77 -6.69
N TYR B 48 14.83 31.47 -7.82
CA TYR B 48 13.75 31.70 -8.75
C TYR B 48 14.37 31.99 -10.11
N SER B 49 13.56 31.79 -11.13
CA SER B 49 13.92 32.03 -12.52
C SER B 49 12.97 33.09 -13.06
N TYR B 50 13.50 34.08 -13.77
CA TYR B 50 12.66 35.12 -14.36
C TYR B 50 12.25 34.82 -15.79
N GLY B 51 12.30 33.57 -16.21
CA GLY B 51 12.06 33.19 -17.58
C GLY B 51 13.06 32.11 -18.00
N ALA B 52 12.67 31.33 -19.01
CA ALA B 52 13.51 30.25 -19.51
C ALA B 52 14.92 30.75 -19.79
N GLY B 53 15.91 30.00 -19.32
CA GLY B 53 17.24 30.55 -19.32
C GLY B 53 17.80 30.70 -17.92
N SER B 54 17.90 31.93 -17.41
CA SER B 54 18.71 32.20 -16.22
C SER B 54 17.87 32.15 -14.94
N THR B 55 18.14 31.14 -14.10
CA THR B 55 17.89 31.19 -12.67
C THR B 55 18.82 32.22 -12.05
N GLU B 56 18.41 32.81 -10.92
CA GLU B 56 19.16 33.99 -10.48
C GLU B 56 19.82 33.87 -9.10
N LYS B 57 19.04 33.74 -8.03
CA LYS B 57 19.55 33.50 -6.67
C LYS B 57 18.34 33.63 -5.78
N GLY B 58 18.47 33.60 -4.48
CA GLY B 58 17.37 33.92 -3.62
C GLY B 58 17.81 34.28 -2.24
N ASP B 59 16.92 34.04 -1.29
CA ASP B 59 17.20 34.31 0.11
C ASP B 59 17.98 33.17 0.77
N ILE B 60 17.76 31.92 0.35
CA ILE B 60 18.30 30.80 1.12
C ILE B 60 19.15 29.95 0.19
N PRO B 61 19.88 30.47 -0.76
CA PRO B 61 20.51 29.55 -1.68
C PRO B 61 21.77 29.03 -1.05
N ASP B 62 21.71 27.84 -0.44
CA ASP B 62 22.85 27.24 0.25
C ASP B 62 22.54 25.75 0.31
N GLY B 63 23.27 24.95 -0.46
CA GLY B 63 22.85 23.58 -0.59
C GLY B 63 21.72 23.40 -1.56
N TYR B 64 21.32 24.45 -2.25
CA TYR B 64 20.34 24.39 -3.31
C TYR B 64 20.90 25.06 -4.55
N LYS B 65 20.72 24.41 -5.68
CA LYS B 65 20.89 25.03 -6.99
C LYS B 65 19.57 24.82 -7.75
N ALA B 66 19.44 25.45 -8.93
CA ALA B 66 18.24 25.29 -9.73
C ALA B 66 18.55 25.49 -11.20
N SER B 67 17.65 25.02 -12.03
CA SER B 67 17.77 25.17 -13.46
C SER B 67 16.40 25.51 -14.01
N ARG B 68 16.39 26.21 -15.15
CA ARG B 68 15.15 26.52 -15.88
C ARG B 68 15.26 26.02 -17.32
N PRO B 69 15.37 24.70 -17.52
CA PRO B 69 15.47 24.21 -18.90
C PRO B 69 14.30 24.62 -19.77
N SER B 70 13.11 24.76 -19.18
CA SER B 70 11.94 25.30 -19.88
C SER B 70 11.38 26.44 -19.06
N GLN B 71 10.63 27.33 -19.73
CA GLN B 71 9.83 28.31 -19.01
C GLN B 71 8.58 27.69 -18.39
N GLU B 72 8.33 26.41 -18.68
CA GLU B 72 7.28 25.64 -18.05
C GLU B 72 7.85 24.52 -17.18
N ASN B 73 9.08 24.70 -16.69
CA ASN B 73 9.71 23.74 -15.80
C ASN B 73 10.93 24.35 -15.11
N PHE B 74 10.89 24.36 -13.79
CA PHE B 74 11.93 24.98 -12.97
C PHE B 74 12.26 23.95 -11.90
N SER B 75 13.53 23.56 -11.80
CA SER B 75 13.88 22.40 -10.99
C SER B 75 14.95 22.76 -9.97
N LEU B 76 14.70 22.36 -8.73
CA LEU B 76 15.57 22.64 -7.60
C LEU B 76 16.36 21.39 -7.26
N ILE B 77 17.66 21.54 -7.07
CA ILE B 77 18.51 20.40 -6.77
C ILE B 77 19.18 20.62 -5.42
N LEU B 78 19.30 19.53 -4.66
CA LEU B 78 20.03 19.49 -3.40
C LEU B 78 21.18 18.54 -3.67
N GLU B 79 22.31 19.11 -4.11
CA GLU B 79 23.39 18.26 -4.60
C GLU B 79 23.80 17.27 -3.52
N LEU B 80 24.27 17.75 -2.39
CA LEU B 80 24.43 16.91 -1.20
C LEU B 80 23.38 17.28 -0.16
N ALA B 81 22.57 16.29 0.19
CA ALA B 81 21.51 16.46 1.17
C ALA B 81 22.10 16.83 2.52
N THR B 82 21.22 17.18 3.45
CA THR B 82 21.56 17.36 4.85
C THR B 82 20.26 17.51 5.64
N PRO B 83 20.17 16.94 6.84
CA PRO B 83 18.90 16.99 7.60
C PRO B 83 18.36 18.38 7.84
N SER B 84 19.11 19.44 7.59
CA SER B 84 18.54 20.78 7.63
C SER B 84 17.60 21.02 6.46
N GLN B 85 17.77 20.29 5.37
CA GLN B 85 16.89 20.44 4.24
C GLN B 85 15.61 19.64 4.40
N THR B 86 15.41 19.02 5.54
CA THR B 86 14.15 18.35 5.82
C THR B 86 13.05 19.41 5.98
N SER B 87 12.03 19.36 5.15
CA SER B 87 11.12 20.50 5.09
C SER B 87 9.91 20.20 4.21
N VAL B 88 9.10 21.22 4.01
CA VAL B 88 8.03 21.24 3.01
C VAL B 88 8.38 22.29 1.96
N TYR B 89 8.25 21.93 0.70
CA TYR B 89 8.76 22.73 -0.41
C TYR B 89 7.62 23.12 -1.33
N PHE B 90 7.41 24.43 -1.52
CA PHE B 90 6.35 24.91 -2.40
C PHE B 90 6.92 25.62 -3.63
N CYS B 91 6.30 25.35 -4.79
CA CYS B 91 6.68 26.02 -6.02
C CYS B 91 5.59 26.99 -6.46
N ALA B 92 6.02 28.10 -7.05
CA ALA B 92 5.13 29.17 -7.46
C ALA B 92 5.44 29.57 -8.89
N SER B 93 4.46 30.14 -9.56
CA SER B 93 4.67 30.66 -10.90
C SER B 93 3.99 32.01 -10.98
N GLY B 94 4.71 33.01 -11.48
CA GLY B 94 4.25 34.39 -11.43
C GLY B 94 4.50 35.11 -12.75
N ASP B 95 3.99 36.35 -12.81
CA ASP B 95 4.06 37.18 -14.01
C ASP B 95 4.10 38.65 -13.58
N MET B 96 3.78 39.53 -14.52
CA MET B 96 3.55 40.93 -14.20
C MET B 96 2.10 41.32 -14.39
N GLY B 97 1.23 40.36 -14.75
CA GLY B 97 -0.20 40.61 -14.73
C GLY B 97 -0.72 41.04 -13.37
N ALA B 98 -0.09 40.56 -12.29
CA ALA B 98 -0.48 40.89 -10.92
C ALA B 98 0.66 40.55 -9.98
N ALA B 99 0.56 41.09 -8.75
CA ALA B 99 1.41 40.72 -7.63
C ALA B 99 1.01 39.39 -7.02
N GLU B 100 -0.03 38.76 -7.57
CA GLU B 100 -0.57 37.50 -7.10
C GLU B 100 0.14 36.36 -7.80
N VAL B 101 0.43 35.29 -7.04
CA VAL B 101 1.27 34.21 -7.51
C VAL B 101 0.52 32.90 -7.31
N PHE B 102 0.93 31.87 -8.08
CA PHE B 102 0.18 30.62 -8.20
C PHE B 102 1.04 29.43 -7.75
N PHE B 103 0.48 28.59 -6.87
CA PHE B 103 1.29 27.70 -6.02
C PHE B 103 1.03 26.24 -6.31
N GLY B 104 2.10 25.47 -6.21
CA GLY B 104 2.00 24.03 -6.29
C GLY B 104 1.63 23.47 -4.95
N LYS B 105 1.31 22.17 -4.94
CA LYS B 105 0.61 21.63 -3.80
C LYS B 105 1.55 21.30 -2.64
N GLY B 106 2.80 20.97 -2.92
CA GLY B 106 3.77 20.72 -1.86
C GLY B 106 4.63 19.50 -2.12
N THR B 107 5.86 19.57 -1.66
CA THR B 107 6.67 18.38 -1.58
C THR B 107 7.17 18.26 -0.14
N ARG B 108 6.96 17.10 0.46
CA ARG B 108 7.44 16.84 1.81
C ARG B 108 8.74 16.07 1.66
N LEU B 109 9.84 16.66 2.05
CA LEU B 109 11.13 15.99 1.96
C LEU B 109 11.69 15.78 3.37
N THR B 110 11.93 14.53 3.72
CA THR B 110 12.60 14.27 4.97
C THR B 110 13.95 13.60 4.70
N VAL B 111 14.98 14.05 5.42
CA VAL B 111 16.35 13.58 5.24
C VAL B 111 16.78 12.86 6.51
N VAL B 112 17.14 11.58 6.38
CA VAL B 112 17.48 10.71 7.49
C VAL B 112 18.91 10.21 7.31
N GLU B 113 19.49 9.71 8.41
CA GLU B 113 20.80 9.06 8.33
C GLU B 113 20.71 7.58 7.97
N ASP B 114 19.62 6.92 8.35
CA ASP B 114 19.39 5.50 8.12
C ASP B 114 17.98 5.30 7.58
N LEU B 115 17.87 4.82 6.34
CA LEU B 115 16.55 4.58 5.78
C LEU B 115 15.83 3.43 6.46
N ARG B 116 16.55 2.57 7.18
CA ARG B 116 15.92 1.47 7.89
C ARG B 116 14.85 1.95 8.87
N ASN B 117 14.91 3.23 9.27
CA ASN B 117 13.95 3.82 10.20
C ASN B 117 12.59 4.11 9.57
N VAL B 118 12.52 4.22 8.24
CA VAL B 118 11.26 4.48 7.55
C VAL B 118 10.37 3.24 7.63
N THR B 119 9.21 3.37 8.26
CA THR B 119 8.33 2.22 8.47
C THR B 119 6.88 2.67 8.38
N PRO B 120 6.02 1.85 7.80
CA PRO B 120 4.63 2.23 7.64
C PRO B 120 3.91 2.18 8.96
N PRO B 121 2.75 2.80 9.08
CA PRO B 121 2.07 2.91 10.38
C PRO B 121 1.33 1.65 10.76
N LYS B 122 0.99 1.58 12.04
CA LYS B 122 0.06 0.58 12.56
C LYS B 122 -1.29 1.26 12.76
N VAL B 123 -2.28 0.87 11.98
CA VAL B 123 -3.57 1.55 11.95
C VAL B 123 -4.57 0.70 12.70
N SER B 124 -5.25 1.32 13.65
CA SER B 124 -6.12 0.59 14.53
C SER B 124 -7.43 1.36 14.55
N LEU B 125 -8.55 0.66 14.45
CA LEU B 125 -9.83 1.32 14.48
C LEU B 125 -10.58 0.84 15.71
N PHE B 126 -10.92 1.77 16.60
CA PHE B 126 -11.53 1.46 17.88
C PHE B 126 -13.01 1.74 17.78
N GLU B 127 -13.82 0.72 18.07
CA GLU B 127 -15.26 0.72 17.87
C GLU B 127 -15.98 1.46 18.99
N PRO B 128 -17.18 2.00 18.70
CA PRO B 128 -17.89 2.89 19.62
C PRO B 128 -18.22 2.28 20.97
N SER B 129 -18.45 3.17 21.94
CA SER B 129 -18.74 2.73 23.31
C SER B 129 -20.20 2.32 23.52
N LYS B 130 -20.40 1.30 24.35
CA LYS B 130 -21.75 0.98 24.79
C LYS B 130 -22.36 2.19 25.48
N ALA B 131 -21.66 2.71 26.48
CA ALA B 131 -22.11 3.91 27.16
C ALA B 131 -22.44 5.02 26.18
N GLU B 132 -21.53 5.29 25.22
CA GLU B 132 -21.74 6.36 24.26
C GLU B 132 -23.04 6.17 23.47
N ILE B 133 -23.16 5.06 22.75
CA ILE B 133 -24.39 4.77 22.01
C ILE B 133 -25.61 4.92 22.91
N ALA B 134 -25.68 4.13 23.98
CA ALA B 134 -26.89 4.11 24.80
C ALA B 134 -27.21 5.50 25.34
N ASN B 135 -26.26 6.10 26.05
CA ASN B 135 -26.48 7.31 26.84
C ASN B 135 -26.57 8.60 26.00
N LYS B 136 -25.93 8.65 24.84
CA LYS B 136 -25.84 9.90 24.08
C LYS B 136 -26.35 9.74 22.66
N GLN B 137 -26.89 8.58 22.32
CA GLN B 137 -27.49 8.30 21.01
C GLN B 137 -26.55 8.65 19.87
N LYS B 138 -25.24 8.65 20.11
CA LYS B 138 -24.24 8.85 19.05
C LYS B 138 -23.11 7.84 19.28
N ALA B 139 -22.37 7.55 18.21
CA ALA B 139 -21.31 6.53 18.24
C ALA B 139 -20.06 7.07 17.57
N THR B 140 -19.00 7.30 18.34
CA THR B 140 -17.75 7.74 17.79
C THR B 140 -16.85 6.53 17.62
N LEU B 141 -16.42 6.27 16.40
CA LEU B 141 -15.28 5.40 16.21
C LEU B 141 -14.03 6.25 16.21
N VAL B 142 -12.90 5.67 16.61
CA VAL B 142 -11.64 6.39 16.70
C VAL B 142 -10.56 5.60 15.99
N CYS B 143 -9.96 6.20 14.97
CA CYS B 143 -8.83 5.63 14.27
C CYS B 143 -7.57 6.17 14.88
N LEU B 144 -6.56 5.32 15.00
CA LEU B 144 -5.28 5.73 15.56
C LEU B 144 -4.16 4.99 14.84
N ALA B 145 -3.22 5.76 14.31
CA ALA B 145 -2.03 5.25 13.64
C ALA B 145 -0.80 5.57 14.48
N ARG B 146 -0.02 4.54 14.76
CA ARG B 146 1.14 4.64 15.64
C ARG B 146 2.37 4.15 14.90
N GLY B 147 3.50 4.74 15.26
CA GLY B 147 4.76 4.14 14.97
C GLY B 147 5.29 4.33 13.57
N PHE B 148 4.76 5.29 12.82
CA PHE B 148 5.21 5.44 11.45
C PHE B 148 6.32 6.46 11.35
N PHE B 149 7.11 6.32 10.29
CA PHE B 149 8.16 7.21 10.00
C PHE B 149 8.36 7.23 8.49
N PRO B 150 8.47 8.39 7.86
CA PRO B 150 8.28 9.73 8.46
C PRO B 150 6.81 10.15 8.46
N ASP B 151 6.49 11.38 8.85
CA ASP B 151 5.10 11.81 8.83
C ASP B 151 4.74 12.51 7.51
N HIS B 152 4.99 11.78 6.43
CA HIS B 152 4.29 11.96 5.17
C HIS B 152 3.14 10.97 5.18
N VAL B 153 1.98 11.40 5.65
CA VAL B 153 0.76 10.60 5.58
C VAL B 153 -0.44 11.50 5.35
N GLU B 154 -1.56 10.83 5.05
CA GLU B 154 -2.89 11.42 4.94
C GLU B 154 -3.91 10.40 5.40
N LEU B 155 -4.76 10.79 6.34
CA LEU B 155 -5.78 9.91 6.86
C LEU B 155 -7.14 10.25 6.26
N SER B 156 -7.93 9.23 5.99
CA SER B 156 -9.23 9.43 5.38
C SER B 156 -10.17 8.35 5.89
N TRP B 157 -11.36 8.72 6.29
CA TRP B 157 -12.36 7.69 6.57
C TRP B 157 -13.15 7.34 5.29
N TRP B 158 -13.77 6.16 5.30
CA TRP B 158 -14.45 5.63 4.12
C TRP B 158 -15.63 4.80 4.60
N VAL B 159 -16.81 5.42 4.66
CA VAL B 159 -18.02 4.74 5.09
C VAL B 159 -18.71 4.14 3.88
N ASN B 160 -18.80 2.81 3.85
CA ASN B 160 -19.45 2.08 2.76
C ASN B 160 -18.89 2.54 1.41
N GLY B 161 -17.56 2.47 1.26
CA GLY B 161 -16.90 2.77 0.01
C GLY B 161 -16.85 4.23 -0.41
N LYS B 162 -17.40 5.16 0.34
CA LYS B 162 -17.39 6.57 -0.02
C LYS B 162 -16.52 7.32 0.98
N GLU B 163 -15.55 8.07 0.50
CA GLU B 163 -14.85 8.99 1.38
C GLU B 163 -15.85 9.90 2.09
N VAL B 164 -15.64 10.11 3.38
CA VAL B 164 -16.56 10.91 4.18
C VAL B 164 -15.79 12.04 4.82
N HIS B 165 -16.48 13.16 5.02
CA HIS B 165 -15.89 14.28 5.73
C HIS B 165 -16.81 14.77 6.84
N SER B 166 -18.11 14.61 6.65
CA SER B 166 -19.02 15.11 7.66
C SER B 166 -18.89 14.28 8.93
N GLY B 167 -18.77 14.97 10.06
CA GLY B 167 -18.57 14.27 11.31
C GLY B 167 -17.19 13.68 11.47
N VAL B 168 -16.21 14.17 10.74
CA VAL B 168 -14.83 13.72 10.91
C VAL B 168 -14.04 14.88 11.47
N CYS B 169 -13.32 14.64 12.55
CA CYS B 169 -12.34 15.59 13.03
C CYS B 169 -11.05 14.86 13.39
N THR B 170 -9.94 15.45 13.01
CA THR B 170 -8.66 14.77 12.98
C THR B 170 -7.58 15.67 13.57
N ASP B 171 -6.60 15.04 14.21
CA ASP B 171 -5.49 15.80 14.77
C ASP B 171 -4.89 16.67 13.69
N PRO B 172 -4.57 17.94 13.98
CA PRO B 172 -3.96 18.82 12.97
C PRO B 172 -2.58 18.36 12.52
N GLN B 173 -1.66 18.21 13.47
CA GLN B 173 -0.32 17.70 13.24
C GLN B 173 -0.16 16.31 13.84
N ALA B 174 0.94 15.66 13.51
CA ALA B 174 1.24 14.32 14.02
C ALA B 174 2.03 14.43 15.33
N TYR B 175 1.73 13.53 16.28
CA TYR B 175 2.49 13.47 17.53
C TYR B 175 3.78 12.68 17.36
N LYS B 176 4.91 13.26 17.78
CA LYS B 176 6.13 12.47 17.96
C LYS B 176 5.89 11.57 19.14
N GLU B 177 5.52 10.33 18.87
CA GLU B 177 5.38 9.33 19.92
C GLU B 177 6.72 9.05 20.57
N SER B 178 7.72 8.77 19.74
CA SER B 178 9.08 8.49 20.15
C SER B 178 10.00 9.24 19.21
N ASN B 179 11.31 8.97 19.29
CA ASN B 179 12.24 9.72 18.45
C ASN B 179 12.00 9.46 16.96
N TYR B 180 11.35 8.34 16.61
CA TYR B 180 10.87 8.12 15.26
C TYR B 180 9.36 7.94 15.19
N SER B 181 8.79 6.99 15.92
CA SER B 181 7.40 6.67 15.71
C SER B 181 6.54 7.90 15.90
N TYR B 182 5.76 8.23 14.89
CA TYR B 182 4.78 9.31 14.96
C TYR B 182 3.42 8.72 15.28
N ALA B 183 2.55 9.52 15.87
CA ALA B 183 1.19 9.07 16.11
C ALA B 183 0.21 10.09 15.54
N LEU B 184 -0.96 9.60 15.16
CA LEU B 184 -2.01 10.44 14.63
C LEU B 184 -3.36 9.79 14.91
N SER B 185 -4.34 10.60 15.30
CA SER B 185 -5.64 10.04 15.64
C SER B 185 -6.74 10.78 14.92
N SER B 186 -7.93 10.19 14.91
CA SER B 186 -9.03 10.80 14.18
C SER B 186 -10.35 10.20 14.64
N ARG B 187 -11.36 11.04 14.73
CA ARG B 187 -12.65 10.67 15.27
C ARG B 187 -13.71 10.79 14.20
N LEU B 188 -14.52 9.74 14.06
CA LEU B 188 -15.68 9.73 13.17
C LEU B 188 -16.91 9.46 14.03
N ARG B 189 -17.80 10.46 14.16
CA ARG B 189 -19.02 10.30 14.94
C ARG B 189 -20.19 10.12 14.00
N VAL B 190 -21.08 9.16 14.33
CA VAL B 190 -22.34 8.99 13.58
C VAL B 190 -23.51 8.59 14.48
N SER B 191 -24.67 8.41 13.87
CA SER B 191 -25.89 8.18 14.62
C SER B 191 -25.98 6.75 15.07
N ALA B 192 -26.38 6.54 16.33
CA ALA B 192 -26.45 5.18 16.83
C ALA B 192 -27.35 4.31 15.96
N THR B 193 -28.50 4.85 15.55
CA THR B 193 -29.34 4.11 14.61
C THR B 193 -28.57 3.72 13.37
N PHE B 194 -27.60 4.55 12.96
CA PHE B 194 -26.77 4.27 11.79
C PHE B 194 -25.67 3.27 12.09
N TRP B 195 -25.13 3.33 13.30
CA TRP B 195 -24.06 2.43 13.66
C TRP B 195 -24.58 1.03 13.84
N HIS B 196 -25.83 0.90 14.29
CA HIS B 196 -26.39 -0.43 14.55
C HIS B 196 -26.74 -1.16 13.25
N ASN B 197 -27.01 -0.43 12.18
CA ASN B 197 -27.23 -1.07 10.90
C ASN B 197 -26.08 -2.02 10.64
N PRO B 198 -26.33 -3.33 10.54
CA PRO B 198 -25.23 -4.29 10.37
C PRO B 198 -24.56 -4.21 9.02
N ARG B 199 -25.03 -3.32 8.14
CA ARG B 199 -24.65 -3.27 6.74
C ARG B 199 -23.78 -2.06 6.41
N ASN B 200 -23.51 -1.19 7.38
CA ASN B 200 -22.70 0.01 7.18
C ASN B 200 -21.26 -0.27 7.58
N HIS B 201 -20.34 -0.04 6.64
CA HIS B 201 -18.96 -0.48 6.72
C HIS B 201 -18.07 0.75 6.86
N PHE B 202 -17.37 0.84 7.97
CA PHE B 202 -16.50 1.97 8.29
C PHE B 202 -15.07 1.54 8.10
N ARG B 203 -14.30 2.28 7.31
CA ARG B 203 -12.89 1.94 7.15
C ARG B 203 -12.07 3.20 7.34
N CYS B 204 -11.07 3.13 8.17
CA CYS B 204 -10.09 4.20 8.28
C CYS B 204 -8.83 3.84 7.53
N GLN B 205 -8.43 4.72 6.63
CA GLN B 205 -7.28 4.48 5.77
C GLN B 205 -6.20 5.52 6.07
N VAL B 206 -5.00 5.06 6.34
CA VAL B 206 -3.87 5.97 6.37
C VAL B 206 -3.09 5.70 5.09
N GLN B 207 -2.90 6.74 4.28
CA GLN B 207 -1.94 6.70 3.19
C GLN B 207 -0.59 7.18 3.69
N PHE B 208 0.45 6.36 3.46
CA PHE B 208 1.78 6.64 3.96
C PHE B 208 2.71 6.71 2.77
N HIS B 209 3.67 7.61 2.82
CA HIS B 209 4.59 7.81 1.72
C HIS B 209 6.00 7.50 2.19
N GLY B 210 6.45 6.30 1.91
CA GLY B 210 7.79 5.91 2.26
C GLY B 210 8.71 5.99 1.07
N LEU B 211 9.39 4.90 0.78
CA LEU B 211 10.48 4.88 -0.17
C LEU B 211 10.00 4.86 -1.61
N SER B 212 10.81 5.45 -2.47
CA SER B 212 10.64 5.34 -3.90
C SER B 212 11.29 4.04 -4.37
N GLU B 213 10.66 3.35 -5.31
CA GLU B 213 11.10 1.99 -5.61
C GLU B 213 12.50 1.97 -6.23
N GLU B 214 13.00 3.12 -6.67
CA GLU B 214 14.38 3.33 -7.07
C GLU B 214 15.34 3.30 -5.95
N ASP B 215 14.92 2.97 -4.71
CA ASP B 215 15.81 3.02 -3.55
C ASP B 215 16.07 1.60 -3.04
N LYS B 216 17.23 1.45 -2.41
CA LYS B 216 17.71 0.14 -1.96
C LYS B 216 17.20 -0.19 -0.57
N TRP B 217 16.84 -1.46 -0.38
CA TRP B 217 16.32 -1.94 0.90
C TRP B 217 16.78 -3.37 1.12
N PRO B 218 18.11 -3.59 1.32
CA PRO B 218 18.57 -4.92 1.76
C PRO B 218 18.33 -5.10 3.26
N GLU B 219 17.13 -5.54 3.62
CA GLU B 219 16.73 -5.80 5.00
C GLU B 219 16.01 -7.15 5.07
N GLY B 220 15.88 -7.66 6.30
CA GLY B 220 15.15 -8.88 6.58
C GLY B 220 13.64 -8.76 6.43
N SER B 221 13.13 -7.54 6.21
CA SER B 221 11.70 -7.23 6.22
C SER B 221 11.28 -6.52 4.93
N PRO B 222 9.98 -6.32 4.71
CA PRO B 222 9.54 -5.72 3.44
C PRO B 222 9.83 -4.24 3.36
N LYS B 223 9.91 -3.77 2.14
CA LYS B 223 10.32 -2.39 1.92
C LYS B 223 9.15 -1.45 2.20
N PRO B 224 9.38 -0.35 2.90
CA PRO B 224 8.27 0.57 3.23
C PRO B 224 8.00 1.58 2.12
N VAL B 225 7.46 1.07 1.01
CA VAL B 225 6.99 1.88 -0.12
C VAL B 225 5.71 2.67 0.22
N THR B 226 5.31 3.58 -0.69
CA THR B 226 4.05 4.31 -0.50
C THR B 226 2.87 3.34 -0.51
N GLN B 227 1.94 3.49 0.43
CA GLN B 227 0.92 2.49 0.62
C GLN B 227 -0.20 2.95 1.56
N ASN B 228 -1.37 2.36 1.33
CA ASN B 228 -2.54 2.55 2.15
C ASN B 228 -2.59 1.44 3.16
N ILE B 229 -3.04 1.75 4.36
CA ILE B 229 -3.14 0.78 5.44
C ILE B 229 -4.39 1.13 6.23
N SER B 230 -5.34 0.22 6.31
CA SER B 230 -6.65 0.57 6.84
C SER B 230 -6.99 -0.38 7.96
N ALA B 231 -7.86 0.09 8.84
CA ALA B 231 -8.57 -0.76 9.76
C ALA B 231 -10.06 -0.61 9.52
N GLU B 232 -10.76 -1.74 9.45
CA GLU B 232 -12.16 -1.72 9.09
C GLU B 232 -12.99 -2.30 10.22
N ALA B 233 -14.29 -1.97 10.19
CA ALA B 233 -15.25 -2.49 11.15
C ALA B 233 -16.64 -2.25 10.59
N TRP B 234 -17.55 -3.19 10.87
CA TRP B 234 -18.94 -3.09 10.44
C TRP B 234 -19.85 -2.77 11.62
N GLY B 235 -20.99 -2.20 11.30
CA GLY B 235 -21.99 -1.93 12.32
C GLY B 235 -22.49 -3.18 13.00
N ARG B 236 -22.40 -3.23 14.33
CA ARG B 236 -22.92 -4.34 15.10
C ARG B 236 -24.21 -3.90 15.80
N ALA B 237 -24.84 -4.85 16.49
CA ALA B 237 -26.13 -4.65 17.16
C ALA B 237 -26.04 -4.67 18.69
N ASP B 238 -25.18 -5.51 19.26
CA ASP B 238 -24.83 -5.55 20.70
C ASP B 238 -23.94 -6.75 20.98
N LYS C 5 19.52 -27.34 -27.04
CA LYS C 5 18.09 -27.44 -26.82
C LYS C 5 17.75 -28.40 -25.68
N VAL C 6 16.88 -27.95 -24.77
CA VAL C 6 16.40 -28.74 -23.63
C VAL C 6 14.89 -28.89 -23.78
N GLN C 7 14.46 -30.06 -24.27
CA GLN C 7 13.06 -30.34 -24.57
C GLN C 7 12.53 -31.22 -23.45
N GLN C 8 11.31 -30.90 -22.97
CA GLN C 8 10.82 -31.52 -21.74
C GLN C 8 9.39 -32.06 -21.90
N SER C 9 9.15 -33.20 -21.22
CA SER C 9 8.00 -34.11 -21.16
C SER C 9 6.83 -33.49 -20.39
N PRO C 10 5.65 -34.22 -20.13
CA PRO C 10 4.34 -33.55 -20.20
C PRO C 10 4.26 -32.10 -19.75
N GLU C 11 3.59 -31.30 -20.57
CA GLU C 11 3.29 -29.94 -20.17
C GLU C 11 2.66 -29.95 -18.78
N SER C 12 1.86 -30.99 -18.48
CA SER C 12 1.35 -31.23 -17.14
C SER C 12 1.29 -32.72 -16.91
N LEU C 13 1.51 -33.14 -15.67
CA LEU C 13 1.35 -34.51 -15.24
C LEU C 13 0.55 -34.54 -13.96
N ILE C 14 -0.44 -35.43 -13.90
CA ILE C 14 -1.32 -35.58 -12.74
C ILE C 14 -1.40 -37.07 -12.41
N VAL C 15 -0.60 -37.52 -11.44
CA VAL C 15 -0.63 -38.93 -11.06
C VAL C 15 -1.10 -39.05 -9.60
N PRO C 16 -1.68 -40.19 -9.21
CA PRO C 16 -2.32 -40.28 -7.90
C PRO C 16 -1.34 -40.32 -6.74
N GLU C 17 -1.85 -39.96 -5.55
CA GLU C 17 -1.10 -39.98 -4.30
C GLU C 17 -0.65 -41.39 -3.98
N GLY C 18 0.66 -41.63 -3.96
CA GLY C 18 1.22 -42.94 -3.63
C GLY C 18 1.78 -43.73 -4.81
N ALA C 19 1.51 -43.31 -6.05
CA ALA C 19 2.07 -43.90 -7.26
C ALA C 19 3.41 -43.24 -7.62
N MET C 20 4.00 -43.63 -8.78
CA MET C 20 5.33 -43.18 -9.22
C MET C 20 5.18 -42.14 -10.33
N SER C 21 5.52 -40.88 -10.03
CA SER C 21 5.45 -39.78 -10.98
C SER C 21 6.75 -39.76 -11.76
N SER C 22 6.67 -39.64 -13.09
CA SER C 22 7.85 -39.73 -13.93
C SER C 22 7.89 -38.58 -14.92
N LEU C 23 9.05 -37.94 -15.02
CA LEU C 23 9.22 -36.71 -15.80
C LEU C 23 10.53 -36.84 -16.58
N ASN C 24 10.46 -37.00 -17.89
CA ASN C 24 11.69 -37.17 -18.64
C ASN C 24 12.06 -35.91 -19.42
N CYS C 25 13.32 -35.84 -19.79
CA CYS C 25 13.89 -34.64 -20.38
C CYS C 25 14.91 -35.07 -21.40
N THR C 26 14.71 -34.64 -22.65
CA THR C 26 15.63 -34.95 -23.72
C THR C 26 16.41 -33.70 -24.06
N PHE C 27 17.68 -33.88 -24.41
CA PHE C 27 18.59 -32.78 -24.69
C PHE C 27 19.29 -33.05 -26.01
N SER C 28 19.47 -32.00 -26.80
CA SER C 28 19.90 -32.15 -28.19
C SER C 28 21.41 -32.09 -28.35
N ASN C 29 22.17 -32.45 -27.32
CA ASN C 29 23.62 -32.44 -27.42
C ASN C 29 24.20 -33.31 -26.33
N SER C 30 24.76 -34.45 -26.67
CA SER C 30 25.39 -35.29 -25.67
C SER C 30 26.78 -34.80 -25.32
N ALA C 31 27.14 -33.60 -25.78
CA ALA C 31 28.27 -32.88 -25.19
C ALA C 31 27.96 -32.41 -23.78
N SER C 32 26.74 -32.67 -23.30
CA SER C 32 26.20 -32.07 -22.09
C SER C 32 26.75 -32.77 -20.86
N GLN C 33 27.61 -32.08 -20.11
CA GLN C 33 28.35 -32.71 -19.04
C GLN C 33 27.54 -32.93 -17.77
N SER C 34 26.45 -32.19 -17.55
CA SER C 34 25.77 -32.45 -16.29
C SER C 34 24.35 -31.90 -16.27
N ILE C 35 23.44 -32.72 -15.73
CA ILE C 35 22.01 -32.49 -15.88
C ILE C 35 21.37 -32.43 -14.50
N TRP C 36 20.84 -31.26 -14.15
CA TRP C 36 20.13 -31.03 -12.90
C TRP C 36 18.62 -31.06 -13.11
N TRP C 37 17.93 -31.31 -12.01
CA TRP C 37 16.50 -31.13 -11.91
C TRP C 37 16.22 -30.11 -10.82
N TYR C 38 15.34 -29.16 -11.11
CA TYR C 38 14.97 -28.05 -10.26
C TYR C 38 13.48 -28.09 -9.97
N GLN C 39 13.10 -27.72 -8.74
CA GLN C 39 11.71 -27.81 -8.29
C GLN C 39 11.23 -26.42 -7.91
N GLN C 40 10.35 -25.86 -8.70
CA GLN C 40 9.83 -24.53 -8.44
C GLN C 40 8.47 -24.71 -7.82
N HIS C 41 8.32 -24.28 -6.58
CA HIS C 41 6.98 -24.16 -6.04
C HIS C 41 6.45 -22.77 -6.31
N PRO C 42 5.14 -22.63 -6.52
CA PRO C 42 4.55 -21.29 -6.70
C PRO C 42 5.03 -20.23 -5.73
N GLY C 43 5.53 -19.12 -6.29
CA GLY C 43 5.95 -17.98 -5.51
C GLY C 43 7.39 -18.01 -5.07
N LYS C 44 7.96 -19.20 -4.94
CA LYS C 44 9.39 -19.28 -4.72
C LYS C 44 10.11 -19.31 -6.07
N GLY C 45 11.40 -19.06 -6.03
CA GLY C 45 12.23 -19.33 -7.16
C GLY C 45 12.38 -20.81 -7.36
N PRO C 46 13.08 -21.21 -8.42
CA PRO C 46 13.39 -22.63 -8.61
C PRO C 46 14.53 -23.00 -7.69
N GLU C 47 14.35 -24.11 -6.97
CA GLU C 47 15.43 -24.71 -6.21
C GLU C 47 15.97 -25.91 -6.98
N ALA C 48 17.27 -26.16 -6.84
CA ALA C 48 17.83 -27.37 -7.42
C ALA C 48 17.38 -28.55 -6.56
N LEU C 49 17.12 -29.66 -7.23
CA LEU C 49 16.55 -30.81 -6.60
C LEU C 49 17.44 -32.03 -6.68
N ILE C 50 18.11 -32.24 -7.81
CA ILE C 50 18.94 -33.43 -8.00
C ILE C 50 19.82 -33.23 -9.22
N SER C 51 20.86 -34.05 -9.37
CA SER C 51 21.78 -33.96 -10.50
C SER C 51 22.27 -35.34 -10.89
N ILE C 52 22.66 -35.48 -12.16
CA ILE C 52 23.23 -36.73 -12.67
C ILE C 52 24.40 -36.44 -13.62
N PHE C 53 25.42 -37.31 -13.51
CA PHE C 53 26.73 -37.24 -14.19
C PHE C 53 26.82 -38.19 -15.38
N SER C 54 26.66 -39.50 -15.12
CA SER C 54 26.71 -40.55 -16.14
C SER C 54 25.53 -41.49 -15.96
N ASN C 55 25.55 -42.61 -16.66
CA ASN C 55 24.31 -43.28 -17.01
C ASN C 55 23.77 -44.08 -15.83
N GLY C 56 22.78 -44.92 -16.10
CA GLY C 56 22.22 -45.70 -15.01
C GLY C 56 21.35 -44.83 -14.14
N ASN C 57 21.31 -45.17 -12.85
CA ASN C 57 20.48 -44.50 -11.87
C ASN C 57 21.33 -43.63 -10.96
N LYS C 58 20.70 -42.56 -10.47
CA LYS C 58 21.15 -41.81 -9.30
C LYS C 58 19.97 -41.86 -8.34
N LYS C 59 20.15 -42.52 -7.20
CA LYS C 59 19.10 -42.65 -6.23
C LYS C 59 19.36 -41.71 -5.07
N GLU C 60 18.28 -41.12 -4.54
CA GLU C 60 18.38 -40.15 -3.46
C GLU C 60 16.98 -40.01 -2.88
N GLY C 61 16.83 -40.21 -1.57
CA GLY C 61 15.51 -40.10 -0.95
C GLY C 61 14.47 -40.94 -1.66
N ARG C 62 13.32 -40.31 -1.96
CA ARG C 62 12.22 -40.92 -2.69
C ARG C 62 12.32 -40.75 -4.22
N LEU C 63 13.50 -40.41 -4.73
CA LEU C 63 13.70 -40.08 -6.15
C LEU C 63 14.81 -40.92 -6.75
N THR C 64 14.66 -41.21 -8.05
CA THR C 64 15.79 -41.56 -8.91
C THR C 64 15.79 -40.68 -10.14
N VAL C 65 16.96 -40.23 -10.55
CA VAL C 65 17.12 -39.65 -11.87
C VAL C 65 17.88 -40.68 -12.71
N TYR C 66 17.30 -41.07 -13.84
CA TYR C 66 17.97 -41.98 -14.75
C TYR C 66 18.60 -41.20 -15.90
N LEU C 67 19.77 -41.66 -16.35
CA LEU C 67 20.41 -41.01 -17.48
C LEU C 67 20.99 -42.02 -18.45
N ASN C 68 20.61 -41.87 -19.72
CA ASN C 68 21.14 -42.55 -20.89
C ASN C 68 21.68 -41.46 -21.80
N ARG C 69 23.01 -41.30 -21.79
CA ARG C 69 23.66 -40.28 -22.62
C ARG C 69 23.26 -40.42 -24.08
N ALA C 70 23.23 -41.67 -24.57
CA ALA C 70 22.99 -41.91 -25.99
C ALA C 70 21.53 -41.72 -26.38
N SER C 71 20.60 -42.18 -25.54
CA SER C 71 19.17 -41.98 -25.79
C SER C 71 18.76 -40.51 -25.75
N LEU C 72 19.70 -39.61 -25.44
CA LEU C 72 19.40 -38.23 -25.09
C LEU C 72 18.30 -38.18 -24.02
N HIS C 73 18.45 -39.00 -22.98
CA HIS C 73 17.37 -39.19 -22.02
C HIS C 73 17.84 -39.01 -20.60
N VAL C 74 17.19 -38.11 -19.85
CA VAL C 74 17.18 -38.18 -18.39
C VAL C 74 15.73 -38.24 -17.94
N SER C 75 15.53 -38.66 -16.71
CA SER C 75 14.19 -39.01 -16.26
C SER C 75 14.17 -38.88 -14.74
N LEU C 76 13.41 -37.94 -14.23
CA LEU C 76 13.14 -37.86 -12.79
C LEU C 76 11.98 -38.78 -12.40
N HIS C 77 12.14 -39.52 -11.31
CA HIS C 77 11.18 -40.51 -10.85
C HIS C 77 10.91 -40.36 -9.36
N ILE C 78 9.67 -40.04 -9.01
CA ILE C 78 9.26 -39.76 -7.64
C ILE C 78 8.35 -40.89 -7.18
N ARG C 79 8.81 -41.72 -6.25
CA ARG C 79 7.95 -42.76 -5.72
C ARG C 79 7.11 -42.27 -4.54
N ASP C 80 6.11 -43.06 -4.20
CA ASP C 80 5.38 -42.95 -2.95
C ASP C 80 4.84 -41.53 -2.82
N SER C 81 4.36 -41.01 -3.95
CA SER C 81 4.30 -39.58 -4.15
C SER C 81 3.37 -38.90 -3.16
N GLN C 82 3.85 -37.90 -2.55
CA GLN C 82 3.15 -37.13 -1.55
C GLN C 82 2.60 -35.85 -2.16
N PRO C 83 1.43 -35.39 -1.72
CA PRO C 83 0.92 -34.10 -2.19
C PRO C 83 1.81 -32.93 -1.82
N SER C 84 2.83 -33.16 -1.00
CA SER C 84 3.87 -32.18 -0.82
C SER C 84 4.68 -31.96 -2.09
N ASP C 85 4.52 -32.83 -3.09
CA ASP C 85 5.42 -32.85 -4.25
C ASP C 85 4.90 -32.06 -5.43
N SER C 86 3.65 -31.63 -5.42
CA SER C 86 3.14 -30.82 -6.52
C SER C 86 3.99 -29.55 -6.65
N ALA C 87 4.52 -29.33 -7.86
CA ALA C 87 5.42 -28.21 -8.19
C ALA C 87 5.83 -28.33 -9.65
N VAL C 88 6.40 -27.25 -10.19
CA VAL C 88 6.91 -27.34 -11.55
C VAL C 88 8.31 -27.91 -11.50
N TYR C 89 8.58 -28.87 -12.38
CA TYR C 89 9.84 -29.58 -12.43
C TYR C 89 10.57 -29.20 -13.71
N LEU C 90 11.74 -28.58 -13.57
CA LEU C 90 12.49 -28.01 -14.69
C LEU C 90 13.82 -28.74 -14.82
N CYS C 91 14.07 -29.30 -15.98
CA CYS C 91 15.31 -30.01 -16.28
C CYS C 91 16.30 -29.02 -16.85
N ALA C 92 17.47 -28.90 -16.22
CA ALA C 92 18.47 -27.93 -16.63
C ALA C 92 19.69 -28.69 -17.07
N VAL C 93 20.19 -28.39 -18.26
CA VAL C 93 21.33 -29.09 -18.81
C VAL C 93 22.43 -28.08 -19.06
N SER C 94 23.63 -28.34 -18.51
CA SER C 94 24.82 -27.59 -18.90
C SER C 94 25.77 -28.57 -19.55
N LYS C 95 26.46 -28.10 -20.58
CA LYS C 95 27.54 -28.87 -21.17
C LYS C 95 28.88 -28.29 -20.74
N GLY C 96 29.85 -29.17 -20.53
CA GLY C 96 31.16 -28.72 -20.10
C GLY C 96 31.94 -27.91 -21.12
N SER C 97 31.45 -27.85 -22.37
CA SER C 97 32.09 -27.01 -23.38
C SER C 97 31.63 -25.55 -23.26
N ASN C 98 30.33 -25.31 -23.40
CA ASN C 98 29.72 -23.98 -23.41
C ASN C 98 28.73 -23.94 -22.24
N TYR C 99 29.21 -23.49 -21.07
CA TYR C 99 28.59 -23.75 -19.76
C TYR C 99 27.22 -23.16 -19.58
N GLN C 100 26.73 -22.34 -20.51
CA GLN C 100 25.44 -21.68 -20.39
C GLN C 100 24.36 -22.71 -20.07
N LEU C 101 23.80 -22.67 -18.85
CA LEU C 101 22.73 -23.58 -18.50
C LEU C 101 21.57 -23.38 -19.45
N ILE C 102 21.02 -24.48 -19.96
CA ILE C 102 19.81 -24.45 -20.78
C ILE C 102 18.68 -25.12 -20.00
N TRP C 103 17.46 -24.64 -20.19
CA TRP C 103 16.33 -24.99 -19.34
C TRP C 103 15.14 -25.42 -20.18
N GLY C 104 14.41 -26.42 -19.72
CA GLY C 104 13.25 -26.87 -20.45
C GLY C 104 11.97 -26.22 -20.01
N SER C 105 10.92 -26.51 -20.79
CA SER C 105 9.60 -25.92 -20.57
C SER C 105 9.11 -26.08 -19.15
N GLY C 106 9.56 -27.11 -18.44
CA GLY C 106 9.00 -27.43 -17.14
C GLY C 106 7.81 -28.37 -17.25
N THR C 107 7.56 -29.11 -16.17
CA THR C 107 6.43 -30.03 -16.08
C THR C 107 5.66 -29.79 -14.79
N LYS C 108 4.41 -29.36 -14.90
CA LYS C 108 3.62 -29.09 -13.72
C LYS C 108 3.18 -30.43 -13.13
N LEU C 109 3.73 -30.77 -11.99
CA LEU C 109 3.36 -32.01 -11.34
C LEU C 109 2.27 -31.68 -10.34
N ILE C 110 1.04 -32.01 -10.68
CA ILE C 110 -0.07 -32.03 -9.73
C ILE C 110 -0.24 -33.45 -9.24
N ILE C 111 -0.33 -33.62 -7.92
CA ILE C 111 -0.41 -34.92 -7.27
C ILE C 111 -1.68 -34.95 -6.44
N LYS C 112 -2.65 -35.80 -6.88
CA LYS C 112 -4.01 -35.95 -6.36
C LYS C 112 -4.08 -36.76 -5.09
N PRO C 113 -4.35 -36.16 -3.92
CA PRO C 113 -4.64 -36.99 -2.75
C PRO C 113 -5.94 -37.74 -3.00
N ASP C 114 -5.90 -39.08 -3.09
CA ASP C 114 -7.15 -39.83 -3.28
C ASP C 114 -7.98 -39.71 -2.01
N ILE C 115 -9.21 -39.23 -2.17
CA ILE C 115 -10.01 -38.82 -1.02
C ILE C 115 -10.43 -40.05 -0.22
N GLN C 116 -10.33 -39.92 1.10
CA GLN C 116 -10.48 -41.04 2.02
C GLN C 116 -11.85 -41.10 2.69
N ASN C 117 -12.59 -39.99 2.78
CA ASN C 117 -13.95 -39.97 3.33
C ASN C 117 -14.88 -39.20 2.38
N PRO C 118 -15.06 -39.70 1.14
CA PRO C 118 -15.64 -38.87 0.04
C PRO C 118 -17.15 -38.78 -0.07
N GLU C 119 -17.77 -37.86 0.68
CA GLU C 119 -19.21 -37.62 0.55
C GLU C 119 -19.48 -36.25 -0.11
N PRO C 120 -19.64 -36.20 -1.43
CA PRO C 120 -19.70 -34.90 -2.13
C PRO C 120 -20.81 -34.00 -1.62
N ALA C 121 -20.64 -32.70 -1.87
CA ALA C 121 -21.65 -31.72 -1.53
C ALA C 121 -21.48 -30.50 -2.40
N VAL C 122 -22.60 -29.86 -2.74
CA VAL C 122 -22.61 -28.53 -3.31
C VAL C 122 -23.30 -27.64 -2.28
N TYR C 123 -22.72 -26.48 -2.02
CA TYR C 123 -23.26 -25.59 -1.02
C TYR C 123 -23.41 -24.20 -1.63
N GLN C 124 -24.46 -23.51 -1.26
CA GLN C 124 -24.55 -22.09 -1.55
C GLN C 124 -24.12 -21.32 -0.33
N LEU C 125 -23.26 -20.32 -0.54
CA LEU C 125 -22.80 -19.42 0.50
C LEU C 125 -23.19 -18.02 0.09
N LYS C 126 -23.60 -17.21 1.08
CA LYS C 126 -24.05 -15.84 0.91
C LYS C 126 -22.96 -14.87 1.36
N ASP C 127 -22.87 -13.74 0.68
CA ASP C 127 -22.00 -12.70 1.21
C ASP C 127 -22.75 -11.95 2.31
N PRO C 128 -22.44 -12.23 3.57
CA PRO C 128 -23.22 -11.66 4.68
C PRO C 128 -23.10 -10.16 4.80
N ARG C 129 -22.12 -9.55 4.13
CA ARG C 129 -21.75 -8.16 4.35
C ARG C 129 -22.84 -7.26 3.79
N SER C 130 -24.05 -7.84 3.67
CA SER C 130 -25.28 -7.26 3.13
C SER C 130 -25.27 -7.34 1.61
N GLN C 131 -24.26 -7.98 1.04
CA GLN C 131 -24.25 -8.18 -0.40
C GLN C 131 -25.27 -9.24 -0.77
N ASP C 132 -26.17 -8.86 -1.67
CA ASP C 132 -27.22 -9.74 -2.18
C ASP C 132 -26.64 -10.60 -3.31
N SER C 133 -25.76 -11.52 -2.93
CA SER C 133 -25.04 -12.28 -3.96
C SER C 133 -24.41 -13.50 -3.32
N THR C 134 -24.18 -14.51 -4.15
CA THR C 134 -23.89 -15.85 -3.64
C THR C 134 -22.84 -16.53 -4.49
N LEU C 135 -22.28 -17.61 -3.95
CA LEU C 135 -21.43 -18.47 -4.76
C LEU C 135 -21.56 -19.91 -4.30
N CYS C 136 -21.12 -20.80 -5.17
CA CYS C 136 -21.24 -22.23 -4.99
C CYS C 136 -19.91 -22.84 -4.60
N LEU C 137 -19.98 -23.77 -3.65
CA LEU C 137 -18.84 -24.53 -3.17
C LEU C 137 -19.12 -26.00 -3.44
N PHE C 138 -18.39 -26.59 -4.38
CA PHE C 138 -18.32 -28.04 -4.51
C PHE C 138 -17.22 -28.56 -3.60
N THR C 139 -17.55 -29.54 -2.75
CA THR C 139 -16.63 -29.92 -1.70
C THR C 139 -16.67 -31.43 -1.45
N ASP C 140 -15.52 -31.97 -1.06
CA ASP C 140 -15.31 -33.33 -0.55
C ASP C 140 -15.35 -34.40 -1.64
N PHE C 141 -15.60 -34.04 -2.89
CA PHE C 141 -15.62 -35.01 -3.99
C PHE C 141 -14.23 -35.63 -4.19
N ASP C 142 -14.18 -36.65 -5.05
CA ASP C 142 -12.98 -37.45 -5.14
C ASP C 142 -12.14 -37.07 -6.35
N SER C 143 -10.99 -37.72 -6.47
CA SER C 143 -9.86 -37.32 -7.29
C SER C 143 -10.02 -37.66 -8.77
N GLN C 144 -11.20 -38.12 -9.20
CA GLN C 144 -11.45 -38.41 -10.60
C GLN C 144 -12.38 -37.41 -11.29
N ILE C 145 -13.22 -36.70 -10.54
CA ILE C 145 -14.19 -35.79 -11.15
C ILE C 145 -13.47 -34.62 -11.82
N ASN C 146 -13.39 -34.67 -13.15
CA ASN C 146 -12.72 -33.63 -13.92
C ASN C 146 -13.56 -32.36 -13.93
N VAL C 147 -12.91 -31.22 -13.70
CA VAL C 147 -13.64 -29.96 -13.62
C VAL C 147 -13.23 -29.02 -14.75
N PRO C 148 -13.75 -29.19 -15.96
CA PRO C 148 -13.53 -28.18 -17.00
C PRO C 148 -14.08 -26.84 -16.57
N LYS C 149 -13.66 -25.82 -17.32
CA LYS C 149 -13.92 -24.43 -16.94
C LYS C 149 -15.36 -24.04 -17.23
N THR C 150 -15.60 -22.73 -17.25
CA THR C 150 -16.88 -22.10 -16.99
C THR C 150 -17.91 -22.42 -18.09
N MET C 151 -19.12 -21.86 -17.91
CA MET C 151 -20.08 -21.67 -18.98
C MET C 151 -19.75 -20.32 -19.67
N GLU C 152 -20.71 -19.71 -20.37
CA GLU C 152 -20.52 -18.37 -20.92
C GLU C 152 -19.82 -17.48 -19.90
N SER C 153 -18.90 -16.62 -20.39
CA SER C 153 -17.88 -16.00 -19.54
C SER C 153 -18.45 -15.30 -18.27
N GLY C 154 -19.77 -15.19 -18.16
CA GLY C 154 -20.39 -14.61 -16.97
C GLY C 154 -20.44 -15.50 -15.75
N THR C 155 -20.18 -16.79 -15.92
CA THR C 155 -20.04 -17.75 -14.83
C THR C 155 -18.57 -18.15 -14.74
N PHE C 156 -18.09 -18.47 -13.53
CA PHE C 156 -16.70 -18.83 -13.33
C PHE C 156 -16.61 -20.08 -12.49
N ILE C 157 -15.85 -21.07 -12.95
CA ILE C 157 -15.59 -22.29 -12.19
C ILE C 157 -14.09 -22.41 -12.05
N THR C 158 -13.60 -22.32 -10.82
CA THR C 158 -12.19 -22.34 -10.52
C THR C 158 -11.69 -23.77 -10.40
N ASP C 159 -10.44 -23.97 -10.80
CA ASP C 159 -9.87 -25.31 -10.74
C ASP C 159 -9.97 -25.84 -9.33
N LYS C 160 -9.99 -27.15 -9.23
CA LYS C 160 -10.00 -27.82 -7.94
C LYS C 160 -8.67 -27.60 -7.21
N CYS C 161 -8.74 -27.16 -5.96
CA CYS C 161 -7.56 -27.07 -5.10
C CYS C 161 -7.82 -27.93 -3.87
N VAL C 162 -6.75 -28.53 -3.33
CA VAL C 162 -6.87 -29.53 -2.26
C VAL C 162 -6.51 -28.90 -0.93
N LEU C 163 -7.43 -28.94 0.04
CA LEU C 163 -7.12 -28.45 1.37
C LEU C 163 -6.88 -29.63 2.30
N ASP C 164 -5.90 -29.46 3.18
CA ASP C 164 -5.42 -30.50 4.06
C ASP C 164 -5.38 -29.96 5.47
N MET C 165 -5.57 -30.86 6.43
CA MET C 165 -5.17 -30.63 7.80
C MET C 165 -4.65 -31.97 8.32
N LYS C 166 -3.53 -31.94 9.05
CA LYS C 166 -3.00 -33.16 9.65
C LYS C 166 -3.38 -33.30 11.13
N ALA C 167 -3.92 -32.24 11.74
CA ALA C 167 -4.51 -32.34 13.08
C ALA C 167 -5.90 -32.95 13.01
N MET C 168 -6.76 -32.39 12.15
CA MET C 168 -8.06 -32.95 11.82
C MET C 168 -8.09 -33.29 10.34
N ASP C 169 -8.15 -34.58 10.02
CA ASP C 169 -7.96 -35.08 8.65
C ASP C 169 -9.19 -34.77 7.79
N SER C 170 -9.24 -33.52 7.30
CA SER C 170 -10.31 -33.03 6.44
C SER C 170 -9.80 -32.66 5.05
N LYS C 171 -8.88 -33.48 4.54
CA LYS C 171 -8.29 -33.27 3.21
C LYS C 171 -9.37 -33.48 2.15
N SER C 172 -9.90 -32.38 1.63
CA SER C 172 -10.95 -32.41 0.63
C SER C 172 -10.49 -31.73 -0.65
N ASN C 173 -10.92 -32.26 -1.78
CA ASN C 173 -10.93 -31.49 -3.01
C ASN C 173 -12.04 -30.44 -2.94
N GLY C 174 -11.71 -29.23 -3.37
CA GLY C 174 -12.66 -28.15 -3.35
C GLY C 174 -12.66 -27.45 -4.69
N ALA C 175 -13.84 -26.92 -5.04
CA ALA C 175 -13.99 -26.08 -6.20
C ALA C 175 -15.02 -25.02 -5.89
N ILE C 176 -14.91 -23.90 -6.59
CA ILE C 176 -15.76 -22.74 -6.37
C ILE C 176 -16.32 -22.30 -7.70
N ALA C 177 -17.58 -21.91 -7.72
CA ALA C 177 -18.17 -21.30 -8.90
C ALA C 177 -18.96 -20.07 -8.50
N TRP C 178 -19.06 -19.12 -9.42
CA TRP C 178 -19.98 -18.01 -9.22
C TRP C 178 -20.39 -17.42 -10.56
N SER C 179 -21.54 -16.76 -10.53
CA SER C 179 -22.04 -15.95 -11.62
C SER C 179 -22.56 -14.68 -10.99
N ASN C 180 -23.21 -13.82 -11.78
CA ASN C 180 -23.89 -12.65 -11.22
C ASN C 180 -25.23 -12.35 -11.92
N GLN C 181 -25.95 -13.39 -12.37
CA GLN C 181 -27.21 -13.26 -13.11
C GLN C 181 -28.42 -13.68 -12.26
N THR C 182 -29.60 -13.60 -12.88
CA THR C 182 -30.89 -13.89 -12.24
C THR C 182 -31.37 -15.32 -12.50
N SER C 183 -30.46 -16.25 -12.80
CA SER C 183 -30.79 -17.66 -13.04
C SER C 183 -29.85 -18.59 -12.27
N PHE C 184 -29.30 -18.11 -11.14
CA PHE C 184 -28.21 -18.78 -10.42
C PHE C 184 -28.74 -19.99 -9.66
N THR C 185 -28.95 -21.08 -10.41
CA THR C 185 -29.25 -22.40 -9.85
C THR C 185 -27.94 -22.97 -9.38
N CYS C 186 -27.68 -22.90 -8.09
CA CYS C 186 -26.35 -23.26 -7.60
C CYS C 186 -25.98 -24.71 -7.87
N GLN C 187 -26.95 -25.59 -8.15
CA GLN C 187 -26.74 -27.03 -8.13
C GLN C 187 -26.79 -27.69 -9.50
N ASP C 188 -26.78 -26.92 -10.59
CA ASP C 188 -27.14 -27.47 -11.89
C ASP C 188 -26.09 -28.46 -12.40
N ILE C 189 -26.55 -29.30 -13.35
CA ILE C 189 -25.64 -30.14 -14.13
C ILE C 189 -24.60 -29.24 -14.78
N PHE C 190 -23.34 -29.59 -14.57
CA PHE C 190 -22.24 -28.76 -15.06
C PHE C 190 -21.63 -29.37 -16.31
N LYS C 191 -20.83 -28.53 -17.01
CA LYS C 191 -20.18 -28.74 -18.31
C LYS C 191 -19.10 -29.78 -18.24
N GLU C 192 -19.10 -30.44 -17.09
CA GLU C 192 -18.05 -31.32 -16.63
C GLU C 192 -18.58 -32.75 -16.42
N THR C 193 -17.73 -33.55 -15.80
CA THR C 193 -17.98 -34.96 -15.52
C THR C 193 -18.13 -35.14 -14.00
N ASN C 194 -19.35 -34.92 -13.49
CA ASN C 194 -19.60 -34.93 -12.05
C ASN C 194 -20.11 -36.29 -11.58
N ALA C 195 -19.54 -36.79 -10.48
CA ALA C 195 -19.90 -38.07 -9.89
C ALA C 195 -20.28 -37.89 -8.42
N THR C 196 -21.07 -38.83 -7.91
CA THR C 196 -21.48 -38.80 -6.50
C THR C 196 -21.36 -40.19 -5.88
N ALA D 3 20.07 -15.61 0.73
CA ALA D 3 20.93 -16.05 -0.34
C ALA D 3 20.91 -14.99 -1.40
N VAL D 4 19.90 -15.07 -2.25
CA VAL D 4 19.77 -14.23 -3.42
C VAL D 4 18.44 -13.49 -3.30
N THR D 5 18.48 -12.17 -3.46
CA THR D 5 17.34 -11.35 -3.08
C THR D 5 17.15 -10.19 -4.05
N GLN D 6 15.95 -10.08 -4.60
CA GLN D 6 15.66 -9.20 -5.71
C GLN D 6 14.83 -8.02 -5.24
N SER D 7 15.15 -6.83 -5.74
CA SER D 7 14.41 -5.59 -5.46
C SER D 7 14.16 -4.89 -6.77
N PRO D 8 12.89 -4.56 -7.11
CA PRO D 8 11.64 -4.78 -6.39
C PRO D 8 11.21 -6.24 -6.31
N ARG D 9 10.05 -6.49 -5.72
CA ARG D 9 9.41 -7.79 -5.85
C ARG D 9 8.24 -7.74 -6.83
N ASN D 10 7.46 -6.66 -6.84
CA ASN D 10 6.51 -6.39 -7.90
C ASN D 10 6.81 -5.01 -8.47
N LYS D 11 6.48 -4.79 -9.73
CA LYS D 11 6.55 -3.44 -10.26
C LYS D 11 5.54 -3.27 -11.40
N VAL D 12 4.89 -2.11 -11.42
CA VAL D 12 4.04 -1.71 -12.52
C VAL D 12 4.75 -0.60 -13.26
N ALA D 13 4.83 -0.73 -14.58
CA ALA D 13 5.55 0.21 -15.41
C ALA D 13 4.68 0.60 -16.59
N VAL D 14 4.74 1.86 -16.97
CA VAL D 14 4.07 2.27 -18.20
C VAL D 14 4.93 1.89 -19.39
N THR D 15 4.30 1.64 -20.53
CA THR D 15 5.05 1.59 -21.77
C THR D 15 5.81 2.90 -21.96
N GLY D 16 7.11 2.77 -22.21
CA GLY D 16 7.96 3.95 -22.26
C GLY D 16 8.84 4.11 -21.04
N GLY D 17 8.30 3.86 -19.84
CA GLY D 17 9.02 4.15 -18.61
C GLY D 17 10.30 3.35 -18.47
N LYS D 18 11.13 3.75 -17.52
CA LYS D 18 12.38 3.06 -17.25
C LYS D 18 12.28 2.24 -15.98
N VAL D 19 12.78 1.02 -16.03
CA VAL D 19 12.64 0.11 -14.92
C VAL D 19 13.98 -0.57 -14.67
N THR D 20 14.42 -0.55 -13.41
CA THR D 20 15.64 -1.24 -13.01
C THR D 20 15.30 -2.30 -11.97
N LEU D 21 15.72 -3.52 -12.23
CA LEU D 21 15.67 -4.59 -11.27
C LEU D 21 17.07 -4.81 -10.68
N SER D 22 17.19 -4.67 -9.37
CA SER D 22 18.41 -4.89 -8.62
C SER D 22 18.30 -6.27 -7.96
N CYS D 23 19.45 -6.91 -7.73
CA CYS D 23 19.47 -8.24 -7.16
C CYS D 23 20.76 -8.42 -6.35
N ASN D 24 20.62 -8.55 -5.06
CA ASN D 24 21.72 -8.64 -4.12
C ASN D 24 22.06 -10.11 -3.86
N GLN D 25 23.33 -10.35 -3.54
CA GLN D 25 23.92 -11.70 -3.56
C GLN D 25 24.81 -11.89 -2.33
N THR D 26 24.25 -12.52 -1.28
CA THR D 26 24.84 -12.44 0.07
C THR D 26 26.06 -13.34 0.21
N ASN D 27 25.85 -14.64 0.11
CA ASN D 27 26.96 -15.58 0.14
C ASN D 27 27.80 -15.42 -1.14
N ASN D 28 29.11 -15.64 -1.02
CA ASN D 28 30.06 -15.15 -2.02
C ASN D 28 29.99 -15.98 -3.29
N HIS D 29 29.67 -15.32 -4.41
CA HIS D 29 29.75 -15.91 -5.74
C HIS D 29 30.29 -14.86 -6.67
N ASN D 30 30.55 -15.26 -7.91
CA ASN D 30 30.80 -14.22 -8.90
C ASN D 30 30.17 -14.50 -10.25
N ASN D 31 29.51 -15.63 -10.43
CA ASN D 31 28.67 -15.78 -11.59
C ASN D 31 27.25 -15.34 -11.25
N MET D 32 26.65 -14.58 -12.16
CA MET D 32 25.36 -13.97 -11.86
C MET D 32 24.50 -13.83 -13.12
N TYR D 33 23.25 -14.24 -13.04
CA TYR D 33 22.41 -14.34 -14.21
C TYR D 33 21.02 -13.74 -13.95
N TRP D 34 20.47 -13.11 -14.97
CA TRP D 34 19.08 -12.68 -14.94
C TRP D 34 18.30 -13.53 -15.93
N TYR D 35 17.28 -14.21 -15.43
CA TYR D 35 16.36 -14.98 -16.24
C TYR D 35 15.00 -14.29 -16.27
N ARG D 36 14.18 -14.72 -17.21
CA ARG D 36 12.79 -14.31 -17.25
C ARG D 36 11.98 -15.56 -17.53
N GLN D 37 10.85 -15.73 -16.85
CA GLN D 37 10.05 -16.95 -16.91
C GLN D 37 8.72 -16.67 -17.59
N ASP D 38 8.36 -17.49 -18.56
CA ASP D 38 7.11 -17.30 -19.26
C ASP D 38 6.39 -18.63 -19.45
N THR D 39 5.07 -18.56 -19.40
CA THR D 39 4.27 -19.74 -19.57
C THR D 39 4.49 -20.32 -20.97
N GLY D 40 4.79 -21.60 -21.01
CA GLY D 40 5.06 -22.30 -22.28
C GLY D 40 6.50 -22.17 -22.73
N HIS D 41 7.01 -20.94 -22.73
CA HIS D 41 8.44 -20.75 -22.91
C HIS D 41 9.17 -21.35 -21.72
N GLY D 42 10.49 -21.47 -21.87
CA GLY D 42 11.31 -21.91 -20.78
C GLY D 42 11.63 -20.79 -19.81
N LEU D 43 12.47 -21.15 -18.84
CA LEU D 43 13.04 -20.19 -17.93
C LEU D 43 14.21 -19.49 -18.61
N ARG D 44 13.87 -18.61 -19.55
CA ARG D 44 14.83 -18.00 -20.51
C ARG D 44 15.79 -16.99 -19.86
N LEU D 45 17.00 -16.88 -20.43
CA LEU D 45 18.10 -16.07 -19.92
C LEU D 45 18.32 -14.79 -20.71
N ILE D 46 18.53 -13.68 -19.98
CA ILE D 46 18.61 -12.34 -20.57
C ILE D 46 20.04 -11.83 -20.66
N HIS D 47 20.74 -11.79 -19.52
CA HIS D 47 22.13 -11.32 -19.41
C HIS D 47 22.81 -12.00 -18.23
N TYR D 48 24.13 -12.08 -18.29
CA TYR D 48 24.86 -12.62 -17.14
C TYR D 48 26.21 -11.91 -16.99
N SER D 49 26.96 -12.31 -15.97
CA SER D 49 28.15 -11.55 -15.57
C SER D 49 29.08 -12.40 -14.72
N TYR D 50 30.28 -12.65 -15.22
CA TYR D 50 31.21 -13.53 -14.55
C TYR D 50 31.96 -12.86 -13.41
N GLY D 51 32.14 -11.55 -13.47
CA GLY D 51 32.89 -10.89 -12.42
C GLY D 51 32.28 -9.55 -12.07
N ALA D 52 32.90 -8.91 -11.10
CA ALA D 52 32.43 -7.65 -10.59
C ALA D 52 32.70 -6.50 -11.56
N GLY D 53 32.82 -6.77 -12.85
CA GLY D 53 33.11 -5.69 -13.76
C GLY D 53 32.46 -5.66 -15.13
N SER D 54 31.74 -6.69 -15.55
CA SER D 54 31.08 -6.58 -16.85
C SER D 54 30.02 -7.66 -17.00
N THR D 55 29.42 -7.67 -18.18
CA THR D 55 28.34 -8.58 -18.52
C THR D 55 28.50 -9.01 -19.97
N GLU D 56 28.45 -10.31 -20.22
CA GLU D 56 28.15 -10.75 -21.57
C GLU D 56 26.64 -10.76 -21.76
N LYS D 57 26.22 -11.14 -22.96
CA LYS D 57 24.82 -11.21 -23.32
C LYS D 57 24.35 -12.65 -23.21
N GLY D 58 23.04 -12.81 -23.01
CA GLY D 58 22.37 -14.09 -23.02
C GLY D 58 21.66 -14.38 -24.33
N ASP D 59 20.56 -15.15 -24.24
CA ASP D 59 19.80 -15.54 -25.41
C ASP D 59 18.79 -14.49 -25.87
N ILE D 60 18.30 -13.64 -24.97
CA ILE D 60 17.27 -12.64 -25.32
C ILE D 60 17.70 -11.29 -24.76
N PRO D 61 18.89 -10.78 -25.09
CA PRO D 61 19.34 -9.52 -24.49
C PRO D 61 18.56 -8.29 -24.95
N ASP D 62 17.89 -8.38 -26.10
CA ASP D 62 17.12 -7.27 -26.65
C ASP D 62 16.13 -6.72 -25.62
N GLY D 63 16.19 -5.41 -25.39
CA GLY D 63 15.32 -4.70 -24.47
C GLY D 63 16.00 -4.27 -23.19
N TYR D 64 17.03 -5.01 -22.77
CA TYR D 64 17.63 -4.87 -21.44
C TYR D 64 19.09 -4.49 -21.55
N LYS D 65 19.52 -3.53 -20.74
CA LYS D 65 20.92 -3.36 -20.39
C LYS D 65 21.14 -4.00 -19.01
N ALA D 66 22.41 -4.15 -18.62
CA ALA D 66 22.71 -4.79 -17.34
C ALA D 66 24.02 -4.27 -16.80
N SER D 67 24.20 -4.41 -15.49
CA SER D 67 25.36 -3.84 -14.81
C SER D 67 25.72 -4.66 -13.59
N ARG D 68 27.02 -4.88 -13.37
CA ARG D 68 27.51 -5.57 -12.18
C ARG D 68 28.55 -4.72 -11.47
N PRO D 69 28.11 -3.73 -10.73
CA PRO D 69 29.05 -2.84 -10.03
C PRO D 69 29.98 -3.55 -9.06
N SER D 70 29.38 -4.18 -8.06
CA SER D 70 30.10 -4.91 -7.03
C SER D 70 29.93 -6.40 -7.26
N GLN D 71 30.70 -7.19 -6.52
CA GLN D 71 30.49 -8.62 -6.64
C GLN D 71 29.12 -9.04 -6.11
N GLU D 72 28.51 -8.23 -5.27
CA GLU D 72 27.30 -8.66 -4.58
C GLU D 72 26.02 -8.30 -5.31
N ASN D 73 26.07 -7.43 -6.32
CA ASN D 73 24.87 -6.81 -6.85
C ASN D 73 24.89 -6.91 -8.37
N PHE D 74 23.80 -7.43 -8.95
CA PHE D 74 23.61 -7.50 -10.40
C PHE D 74 22.31 -6.77 -10.74
N SER D 75 22.24 -6.12 -11.91
CA SER D 75 21.05 -5.32 -12.21
C SER D 75 20.68 -5.34 -13.68
N LEU D 76 19.37 -5.27 -13.89
CA LEU D 76 18.71 -5.37 -15.18
C LEU D 76 18.01 -4.05 -15.48
N ILE D 77 18.05 -3.62 -16.74
CA ILE D 77 17.79 -2.23 -17.11
C ILE D 77 16.86 -2.23 -18.32
N LEU D 78 15.57 -2.14 -18.07
CA LEU D 78 14.59 -1.93 -19.14
C LEU D 78 14.49 -0.43 -19.36
N GLU D 79 15.08 0.07 -20.45
CA GLU D 79 15.16 1.53 -20.61
C GLU D 79 13.92 2.11 -21.27
N LEU D 80 13.28 1.36 -22.19
CA LEU D 80 11.97 1.75 -22.76
C LEU D 80 11.03 0.54 -22.67
N ALA D 81 10.38 0.42 -21.52
CA ALA D 81 9.56 -0.73 -21.19
C ALA D 81 8.57 -1.06 -22.30
N THR D 82 8.29 -2.34 -22.46
CA THR D 82 7.40 -2.86 -23.47
C THR D 82 6.43 -3.85 -22.84
N PRO D 83 5.14 -3.77 -23.16
CA PRO D 83 4.21 -4.81 -22.73
C PRO D 83 4.77 -6.19 -22.98
N SER D 84 5.56 -6.32 -24.05
CA SER D 84 6.17 -7.61 -24.33
C SER D 84 7.14 -8.02 -23.23
N GLN D 85 7.60 -7.09 -22.41
CA GLN D 85 8.47 -7.44 -21.30
C GLN D 85 7.70 -7.58 -20.00
N THR D 86 6.43 -7.91 -20.05
CA THR D 86 5.74 -8.32 -18.84
C THR D 86 6.08 -9.78 -18.57
N SER D 87 6.40 -10.06 -17.32
CA SER D 87 6.98 -11.34 -16.95
C SER D 87 7.26 -11.45 -15.48
N VAL D 88 7.69 -12.64 -15.12
CA VAL D 88 8.33 -12.88 -13.85
C VAL D 88 9.82 -12.97 -14.13
N TYR D 89 10.60 -12.22 -13.39
CA TYR D 89 12.01 -12.16 -13.62
C TYR D 89 12.69 -12.86 -12.46
N PHE D 90 13.77 -13.55 -12.76
CA PHE D 90 14.45 -14.31 -11.75
C PHE D 90 15.91 -13.94 -11.79
N CYS D 91 16.52 -13.83 -10.61
CA CYS D 91 17.95 -13.60 -10.50
C CYS D 91 18.60 -14.85 -9.94
N ALA D 92 19.85 -15.11 -10.34
CA ALA D 92 20.57 -16.30 -9.91
C ALA D 92 22.04 -16.02 -9.71
N SER D 93 22.62 -16.66 -8.70
CA SER D 93 24.04 -16.64 -8.44
C SER D 93 24.61 -18.05 -8.52
N GLY D 94 25.90 -18.14 -8.74
CA GLY D 94 26.47 -19.46 -8.89
C GLY D 94 27.97 -19.33 -9.01
N ASP D 95 28.69 -20.34 -8.51
CA ASP D 95 30.13 -20.23 -8.50
C ASP D 95 30.67 -20.57 -9.89
N MET D 96 31.97 -20.81 -9.96
CA MET D 96 32.79 -20.69 -11.15
C MET D 96 32.10 -20.99 -12.47
N GLY D 97 31.74 -22.25 -12.69
CA GLY D 97 31.13 -22.68 -13.92
C GLY D 97 30.19 -23.79 -13.56
N ALA D 98 30.15 -24.07 -12.26
CA ALA D 98 29.18 -25.03 -11.73
C ALA D 98 27.79 -24.62 -12.17
N ALA D 99 27.01 -25.60 -12.62
CA ALA D 99 25.63 -25.36 -13.03
C ALA D 99 24.65 -25.41 -11.84
N GLU D 100 25.18 -25.25 -10.64
CA GLU D 100 24.42 -25.36 -9.40
C GLU D 100 24.06 -23.96 -8.88
N VAL D 101 23.10 -23.32 -9.53
CA VAL D 101 22.85 -21.91 -9.28
C VAL D 101 21.70 -21.75 -8.28
N PHE D 102 21.65 -20.59 -7.64
CA PHE D 102 20.70 -20.25 -6.60
C PHE D 102 19.88 -19.05 -7.04
N PHE D 103 18.58 -19.08 -6.78
CA PHE D 103 17.62 -18.15 -7.34
C PHE D 103 17.13 -17.15 -6.29
N GLY D 104 16.77 -15.95 -6.77
CA GLY D 104 15.85 -15.12 -6.03
C GLY D 104 14.42 -15.65 -6.15
N LYS D 105 13.55 -15.15 -5.30
CA LYS D 105 12.20 -15.65 -5.26
C LYS D 105 11.30 -15.01 -6.32
N GLY D 106 11.87 -14.37 -7.34
CA GLY D 106 11.11 -13.84 -8.47
C GLY D 106 10.67 -12.39 -8.31
N THR D 107 10.67 -11.61 -9.38
CA THR D 107 10.14 -10.26 -9.38
C THR D 107 9.09 -10.14 -10.46
N ARG D 108 8.00 -9.49 -10.15
CA ARG D 108 6.78 -9.58 -10.91
C ARG D 108 6.64 -8.25 -11.63
N LEU D 109 7.05 -8.18 -12.90
CA LEU D 109 6.96 -6.92 -13.66
C LEU D 109 5.84 -6.99 -14.67
N THR D 110 5.00 -5.96 -14.69
CA THR D 110 3.98 -5.83 -15.74
C THR D 110 4.05 -4.46 -16.38
N VAL D 111 4.23 -4.43 -17.69
CA VAL D 111 4.35 -3.21 -18.45
C VAL D 111 2.98 -2.96 -19.07
N VAL D 112 2.26 -2.00 -18.49
CA VAL D 112 0.91 -1.62 -18.88
C VAL D 112 0.97 -0.35 -19.71
N GLU D 113 -0.03 -0.16 -20.58
CA GLU D 113 -0.06 1.04 -21.42
C GLU D 113 -0.68 2.22 -20.73
N ASP D 114 -1.56 1.99 -19.76
CA ASP D 114 -2.29 3.08 -19.14
C ASP D 114 -2.41 2.77 -17.66
N LEU D 115 -1.68 3.52 -16.85
CA LEU D 115 -1.75 3.34 -15.40
C LEU D 115 -3.18 3.35 -14.85
N ARG D 116 -4.15 3.91 -15.56
CA ARG D 116 -5.49 3.79 -15.02
C ARG D 116 -6.10 2.41 -15.21
N ASN D 117 -5.38 1.48 -15.81
CA ASN D 117 -5.80 0.10 -15.77
C ASN D 117 -5.36 -0.59 -14.48
N VAL D 118 -4.62 0.08 -13.61
CA VAL D 118 -4.18 -0.50 -12.36
C VAL D 118 -5.31 -0.33 -11.35
N THR D 119 -5.83 -1.43 -10.85
CA THR D 119 -6.94 -1.40 -9.90
C THR D 119 -6.68 -2.34 -8.73
N PRO D 120 -7.03 -1.95 -7.50
CA PRO D 120 -6.95 -2.89 -6.39
C PRO D 120 -8.13 -3.85 -6.47
N PRO D 121 -8.14 -4.91 -5.69
CA PRO D 121 -9.25 -5.87 -5.76
C PRO D 121 -10.39 -5.49 -4.81
N LYS D 122 -11.57 -6.02 -5.13
CA LYS D 122 -12.69 -6.05 -4.18
C LYS D 122 -12.71 -7.42 -3.52
N VAL D 123 -12.74 -7.45 -2.19
CA VAL D 123 -12.63 -8.72 -1.47
C VAL D 123 -13.91 -9.00 -0.70
N SER D 124 -14.37 -10.24 -0.78
CA SER D 124 -15.64 -10.64 -0.19
C SER D 124 -15.50 -11.97 0.54
N LEU D 125 -16.15 -12.06 1.70
CA LEU D 125 -16.08 -13.23 2.59
C LEU D 125 -17.43 -13.93 2.58
N PHE D 126 -17.52 -15.02 1.84
CA PHE D 126 -18.70 -15.85 1.83
C PHE D 126 -18.65 -16.78 3.02
N GLU D 127 -19.75 -16.84 3.72
CA GLU D 127 -19.89 -17.50 4.98
C GLU D 127 -20.42 -18.91 4.83
N PRO D 128 -19.95 -19.81 5.70
CA PRO D 128 -20.17 -21.24 5.46
C PRO D 128 -21.64 -21.60 5.56
N SER D 129 -21.98 -22.67 4.85
CA SER D 129 -23.33 -23.21 4.85
C SER D 129 -23.66 -23.89 6.18
N LYS D 130 -24.75 -23.45 6.82
CA LYS D 130 -25.26 -24.19 7.98
C LYS D 130 -25.52 -25.64 7.66
N ALA D 131 -25.61 -25.98 6.37
CA ALA D 131 -25.84 -27.35 5.93
C ALA D 131 -24.55 -28.17 5.94
N GLU D 132 -23.45 -27.59 5.45
CA GLU D 132 -22.14 -28.19 5.66
C GLU D 132 -21.88 -28.42 7.13
N ILE D 133 -22.19 -27.41 7.95
CA ILE D 133 -22.09 -27.52 9.39
C ILE D 133 -22.92 -28.71 9.90
N ALA D 134 -24.15 -28.85 9.42
CA ALA D 134 -24.95 -30.03 9.73
C ALA D 134 -24.24 -31.33 9.36
N ASN D 135 -24.06 -31.57 8.07
CA ASN D 135 -23.64 -32.89 7.58
C ASN D 135 -22.23 -33.25 8.04
N LYS D 136 -21.31 -32.27 8.10
CA LYS D 136 -19.91 -32.55 8.40
C LYS D 136 -19.41 -31.95 9.71
N GLN D 137 -20.10 -30.95 10.28
CA GLN D 137 -19.61 -30.15 11.41
C GLN D 137 -18.24 -29.52 11.13
N LYS D 138 -17.85 -29.50 9.86
CA LYS D 138 -16.81 -28.63 9.33
C LYS D 138 -17.45 -27.32 8.87
N ALA D 139 -16.61 -26.37 8.49
CA ALA D 139 -17.11 -25.07 8.03
C ALA D 139 -16.14 -24.50 7.00
N THR D 140 -16.59 -24.34 5.76
CA THR D 140 -15.77 -23.75 4.72
C THR D 140 -16.12 -22.28 4.60
N LEU D 141 -15.14 -21.42 4.83
CA LEU D 141 -15.24 -20.00 4.51
C LEU D 141 -14.59 -19.78 3.15
N VAL D 142 -15.20 -18.95 2.33
CA VAL D 142 -14.70 -18.71 0.99
C VAL D 142 -14.40 -17.22 0.89
N CYS D 143 -13.31 -16.89 0.23
CA CYS D 143 -12.93 -15.50 0.06
C CYS D 143 -12.66 -15.30 -1.40
N LEU D 144 -13.19 -14.22 -1.95
CA LEU D 144 -13.12 -13.98 -3.39
C LEU D 144 -12.59 -12.57 -3.59
N ALA D 145 -11.48 -12.46 -4.28
CA ALA D 145 -10.92 -11.16 -4.62
C ALA D 145 -11.06 -11.00 -6.13
N ARG D 146 -11.91 -10.10 -6.56
CA ARG D 146 -12.06 -9.88 -7.98
C ARG D 146 -11.68 -8.46 -8.34
N GLY D 147 -11.49 -8.25 -9.63
CA GLY D 147 -11.51 -6.90 -10.16
C GLY D 147 -10.22 -6.14 -10.09
N PHE D 148 -9.10 -6.81 -9.83
CA PHE D 148 -7.83 -6.12 -9.71
C PHE D 148 -7.00 -6.32 -10.97
N PHE D 149 -5.98 -5.49 -11.10
CA PHE D 149 -5.08 -5.58 -12.22
C PHE D 149 -3.90 -4.71 -11.86
N PRO D 150 -2.65 -5.14 -12.10
CA PRO D 150 -2.14 -6.43 -12.57
C PRO D 150 -2.29 -7.48 -11.51
N ASP D 151 -1.94 -8.74 -11.73
CA ASP D 151 -2.22 -9.73 -10.69
C ASP D 151 -1.07 -9.88 -9.69
N HIS D 152 -0.58 -8.77 -9.17
CA HIS D 152 0.45 -8.80 -8.12
C HIS D 152 -0.23 -8.72 -6.75
N VAL D 153 -0.87 -9.81 -6.35
CA VAL D 153 -1.53 -9.84 -5.05
C VAL D 153 -1.07 -11.06 -4.30
N GLU D 154 -1.29 -11.03 -2.98
CA GLU D 154 -1.03 -12.17 -2.11
C GLU D 154 -2.15 -12.28 -1.09
N LEU D 155 -2.69 -13.50 -0.97
CA LEU D 155 -3.87 -13.78 -0.16
C LEU D 155 -3.46 -14.57 1.08
N SER D 156 -4.12 -14.26 2.18
CA SER D 156 -3.74 -14.80 3.47
C SER D 156 -4.97 -14.72 4.35
N TRP D 157 -5.09 -15.67 5.28
CA TRP D 157 -6.20 -15.75 6.23
C TRP D 157 -5.71 -15.42 7.62
N TRP D 158 -6.52 -14.69 8.39
CA TRP D 158 -6.08 -14.19 9.69
C TRP D 158 -7.13 -14.43 10.76
N VAL D 159 -6.87 -15.41 11.64
CA VAL D 159 -7.67 -15.60 12.84
C VAL D 159 -6.71 -15.55 14.01
N ASN D 160 -7.22 -15.21 15.19
CA ASN D 160 -6.36 -15.11 16.38
C ASN D 160 -5.23 -14.12 16.10
N GLY D 161 -5.58 -13.03 15.42
CA GLY D 161 -4.64 -11.99 15.06
C GLY D 161 -3.36 -12.47 14.40
N LYS D 162 -3.34 -13.72 13.94
CA LYS D 162 -2.13 -14.31 13.40
C LYS D 162 -2.48 -15.17 12.20
N GLU D 163 -1.63 -15.14 11.18
CA GLU D 163 -1.95 -15.81 9.94
C GLU D 163 -2.04 -17.31 10.18
N VAL D 164 -2.86 -17.98 9.37
CA VAL D 164 -2.97 -19.43 9.46
C VAL D 164 -2.63 -20.04 8.10
N HIS D 165 -2.05 -21.23 8.14
CA HIS D 165 -1.85 -22.07 6.97
C HIS D 165 -2.69 -23.32 7.01
N SER D 166 -2.86 -23.92 8.18
CA SER D 166 -3.48 -25.24 8.29
C SER D 166 -4.94 -25.13 7.87
N GLY D 167 -5.28 -25.73 6.74
CA GLY D 167 -6.66 -25.77 6.27
C GLY D 167 -7.02 -24.75 5.21
N VAL D 168 -6.03 -24.12 4.57
CA VAL D 168 -6.27 -23.08 3.59
C VAL D 168 -5.87 -23.59 2.22
N CYS D 169 -6.61 -23.15 1.21
CA CYS D 169 -6.45 -23.65 -0.15
C CYS D 169 -6.72 -22.48 -1.10
N THR D 170 -5.68 -22.00 -1.79
CA THR D 170 -5.69 -20.72 -2.50
C THR D 170 -5.33 -20.91 -3.96
N ASP D 171 -6.04 -20.23 -4.85
CA ASP D 171 -5.78 -20.44 -6.26
C ASP D 171 -4.31 -20.15 -6.55
N PRO D 172 -3.56 -21.07 -7.13
CA PRO D 172 -2.23 -20.72 -7.64
C PRO D 172 -2.31 -19.71 -8.77
N GLN D 173 -3.09 -20.05 -9.79
CA GLN D 173 -3.44 -19.17 -10.90
C GLN D 173 -4.11 -17.90 -10.38
N ALA D 174 -4.30 -16.96 -11.30
CA ALA D 174 -5.12 -15.78 -11.05
C ALA D 174 -5.95 -15.55 -12.30
N TYR D 175 -7.13 -16.15 -12.34
CA TYR D 175 -7.94 -16.16 -13.56
C TYR D 175 -8.23 -14.75 -14.06
N LYS D 176 -8.18 -14.59 -15.38
CA LYS D 176 -8.63 -13.36 -16.02
C LYS D 176 -10.16 -13.35 -16.03
N GLU D 177 -10.74 -12.16 -15.91
CA GLU D 177 -12.19 -12.01 -15.90
C GLU D 177 -12.66 -11.18 -17.09
N SER D 178 -12.21 -9.95 -17.18
CA SER D 178 -12.22 -9.19 -18.42
C SER D 178 -10.78 -9.20 -18.91
N ASN D 179 -10.51 -8.46 -19.98
CA ASN D 179 -9.17 -8.53 -20.56
C ASN D 179 -8.13 -8.05 -19.57
N TYR D 180 -8.52 -7.19 -18.63
CA TYR D 180 -7.64 -6.61 -17.62
C TYR D 180 -8.24 -6.74 -16.21
N SER D 181 -8.71 -7.92 -15.81
CA SER D 181 -9.33 -7.96 -14.48
C SER D 181 -9.16 -9.35 -13.88
N TYR D 182 -8.19 -9.50 -13.00
CA TYR D 182 -7.98 -10.82 -12.44
C TYR D 182 -8.95 -11.10 -11.28
N ALA D 183 -9.07 -12.38 -10.95
CA ALA D 183 -9.71 -12.76 -9.70
C ALA D 183 -8.92 -13.89 -9.05
N LEU D 184 -9.21 -14.12 -7.77
CA LEU D 184 -8.56 -15.13 -6.96
C LEU D 184 -9.52 -15.62 -5.90
N SER D 185 -9.61 -16.93 -5.72
CA SER D 185 -10.47 -17.52 -4.68
C SER D 185 -9.61 -18.24 -3.66
N SER D 186 -10.14 -18.36 -2.44
CA SER D 186 -9.46 -19.20 -1.46
C SER D 186 -10.43 -19.64 -0.38
N ARG D 187 -10.14 -20.79 0.21
CA ARG D 187 -11.06 -21.47 1.09
C ARG D 187 -10.37 -21.85 2.39
N LEU D 188 -11.00 -21.54 3.52
CA LEU D 188 -10.55 -21.99 4.83
C LEU D 188 -11.61 -22.88 5.45
N ARG D 189 -11.28 -24.16 5.64
CA ARG D 189 -12.16 -25.13 6.29
C ARG D 189 -11.70 -25.34 7.74
N VAL D 190 -12.61 -25.06 8.68
CA VAL D 190 -12.40 -25.15 10.13
C VAL D 190 -13.42 -26.11 10.75
N SER D 191 -13.45 -26.21 12.09
CA SER D 191 -14.48 -26.95 12.80
C SER D 191 -15.70 -26.07 13.02
N ALA D 192 -16.87 -26.71 12.99
CA ALA D 192 -18.08 -25.98 13.33
C ALA D 192 -18.06 -25.56 14.78
N THR D 193 -17.54 -26.43 15.64
CA THR D 193 -17.36 -26.08 17.04
C THR D 193 -16.50 -24.85 17.17
N PHE D 194 -15.55 -24.66 16.24
CA PHE D 194 -14.77 -23.42 16.21
C PHE D 194 -15.61 -22.25 15.71
N TRP D 195 -16.24 -22.39 14.53
CA TRP D 195 -17.01 -21.30 13.95
C TRP D 195 -18.10 -20.84 14.89
N HIS D 196 -18.57 -21.73 15.74
CA HIS D 196 -19.64 -21.41 16.67
C HIS D 196 -19.12 -20.66 17.90
N ASN D 197 -17.84 -20.35 17.96
CA ASN D 197 -17.27 -19.52 19.01
C ASN D 197 -17.45 -18.03 18.67
N PRO D 198 -18.44 -17.35 19.26
CA PRO D 198 -18.95 -16.10 18.68
C PRO D 198 -18.11 -14.85 18.93
N ARG D 199 -16.99 -14.96 19.65
CA ARG D 199 -16.06 -13.85 19.77
C ARG D 199 -14.82 -14.04 18.89
N ASN D 200 -14.80 -15.09 18.06
CA ASN D 200 -13.68 -15.37 17.17
C ASN D 200 -13.58 -14.29 16.10
N HIS D 201 -12.61 -14.44 15.21
CA HIS D 201 -12.36 -13.41 14.21
C HIS D 201 -11.74 -14.05 12.98
N PHE D 202 -12.41 -13.93 11.84
CA PHE D 202 -11.89 -14.42 10.57
C PHE D 202 -11.67 -13.25 9.63
N ARG D 203 -10.57 -13.29 8.89
CA ARG D 203 -10.18 -12.18 8.00
C ARG D 203 -9.44 -12.76 6.82
N CYS D 204 -9.94 -12.49 5.62
CA CYS D 204 -9.29 -12.82 4.37
C CYS D 204 -8.64 -11.56 3.88
N GLN D 205 -7.32 -11.52 3.90
CA GLN D 205 -6.60 -10.33 3.46
C GLN D 205 -5.85 -10.61 2.17
N VAL D 206 -5.77 -9.57 1.36
CA VAL D 206 -5.20 -9.62 0.03
C VAL D 206 -4.26 -8.45 -0.08
N GLN D 207 -3.07 -8.71 -0.59
CA GLN D 207 -1.99 -7.72 -0.58
C GLN D 207 -1.77 -7.25 -2.01
N PHE D 208 -2.50 -6.21 -2.41
CA PHE D 208 -2.34 -5.73 -3.76
C PHE D 208 -1.10 -4.83 -3.88
N HIS D 209 -0.23 -5.17 -4.82
CA HIS D 209 0.96 -4.37 -5.08
C HIS D 209 0.67 -3.46 -6.29
N GLY D 210 0.83 -2.15 -6.09
CA GLY D 210 0.33 -1.18 -7.05
C GLY D 210 1.40 -0.17 -7.44
N LEU D 211 0.94 1.06 -7.67
CA LEU D 211 1.80 2.16 -8.10
C LEU D 211 2.63 2.66 -6.94
N SER D 212 3.74 3.32 -7.27
CA SER D 212 4.64 3.83 -6.25
C SER D 212 4.51 5.35 -6.13
N GLU D 213 5.32 5.92 -5.25
CA GLU D 213 5.25 7.35 -5.01
C GLU D 213 5.51 8.17 -6.28
N GLU D 214 6.40 7.71 -7.14
CA GLU D 214 6.76 8.47 -8.32
C GLU D 214 5.62 8.52 -9.33
N ASP D 215 4.95 7.39 -9.55
CA ASP D 215 3.98 7.25 -10.65
C ASP D 215 2.98 8.41 -10.66
N LYS D 216 2.83 9.04 -11.83
CA LYS D 216 1.91 10.17 -11.99
C LYS D 216 0.46 9.72 -11.92
N TRP D 217 -0.34 10.50 -11.22
CA TRP D 217 -1.77 10.29 -11.14
C TRP D 217 -2.42 11.60 -10.70
N PRO D 218 -2.19 12.74 -11.40
CA PRO D 218 -2.62 14.04 -10.81
C PRO D 218 -4.12 14.29 -10.94
N GLU D 219 -4.90 13.62 -10.08
CA GLU D 219 -6.35 13.77 -10.13
C GLU D 219 -6.89 13.88 -8.70
N GLY D 220 -8.20 13.70 -8.55
CA GLY D 220 -8.83 13.46 -7.27
C GLY D 220 -9.26 12.02 -7.09
N SER D 221 -8.91 11.13 -8.03
CA SER D 221 -9.14 9.71 -7.90
C SER D 221 -8.19 9.10 -6.87
N PRO D 222 -8.62 8.06 -6.17
CA PRO D 222 -7.69 7.37 -5.28
C PRO D 222 -6.66 6.57 -6.06
N LYS D 223 -5.44 7.09 -6.15
CA LYS D 223 -4.40 6.42 -6.93
C LYS D 223 -4.11 5.02 -6.38
N PRO D 224 -4.11 3.99 -7.22
CA PRO D 224 -4.02 2.63 -6.69
C PRO D 224 -2.66 2.28 -6.17
N VAL D 225 -2.32 2.68 -4.94
CA VAL D 225 -1.04 2.26 -4.36
C VAL D 225 -1.12 0.88 -3.70
N THR D 226 0.04 0.33 -3.35
CA THR D 226 0.12 -0.82 -2.48
C THR D 226 -0.91 -0.73 -1.36
N GLN D 227 -1.67 -1.80 -1.19
CA GLN D 227 -2.82 -1.78 -0.31
C GLN D 227 -3.06 -3.17 0.23
N ASN D 228 -3.68 -3.24 1.39
CA ASN D 228 -4.26 -4.49 1.87
C ASN D 228 -5.77 -4.34 1.89
N ILE D 229 -6.44 -5.14 1.08
CA ILE D 229 -7.89 -5.21 1.09
C ILE D 229 -8.28 -6.46 1.87
N SER D 230 -9.21 -6.31 2.80
CA SER D 230 -9.43 -7.32 3.81
C SER D 230 -10.92 -7.44 4.09
N ALA D 231 -11.41 -8.68 4.22
CA ALA D 231 -12.82 -8.98 4.47
C ALA D 231 -12.94 -9.81 5.74
N GLU D 232 -13.75 -9.35 6.69
CA GLU D 232 -13.81 -10.01 7.99
C GLU D 232 -15.18 -10.64 8.23
N ALA D 233 -15.22 -11.47 9.27
CA ALA D 233 -16.45 -12.10 9.74
C ALA D 233 -16.21 -12.56 11.18
N TRP D 234 -17.13 -12.18 12.07
CA TRP D 234 -17.09 -12.55 13.49
C TRP D 234 -17.98 -13.76 13.72
N GLY D 235 -17.36 -14.91 14.03
CA GLY D 235 -18.06 -16.18 14.12
C GLY D 235 -19.34 -16.18 14.96
N ARG D 236 -20.16 -17.19 14.80
CA ARG D 236 -21.44 -17.19 15.50
C ARG D 236 -21.93 -18.63 15.69
N ALA D 237 -22.61 -18.85 16.82
CA ALA D 237 -23.37 -20.08 17.06
C ALA D 237 -24.87 -19.82 17.03
N ASP D 238 -25.28 -18.81 16.26
CA ASP D 238 -26.67 -18.37 16.12
C ASP D 238 -27.24 -17.79 17.42
#